data_7LSU
#
_entry.id   7LSU
#
_cell.length_a   47.091
_cell.length_b   99.200
_cell.length_c   167.502
_cell.angle_alpha   90.000
_cell.angle_beta   90.000
_cell.angle_gamma   90.000
#
_symmetry.space_group_name_H-M   'P 21 21 21'
#
loop_
_entity.id
_entity.type
_entity.pdbx_description
1 polymer Pullulanase
2 branched alpha-D-glucopyranose-(1-6)-alpha-D-glucopyranose-(1-4)-alpha-D-glucopyranose-(1-4)-beta-D-glucopyranose
3 non-polymer GLYCEROL
4 non-polymer 'ACETATE ION'
5 non-polymer DI(HYDROXYETHYL)ETHER
6 non-polymer 'CALCIUM ION'
7 non-polymer 'SODIUM ION'
8 water water
#
_entity_poly.entity_id   1
_entity_poly.type   'polypeptide(L)'
_entity_poly.pdbx_seq_one_letter_code
;MRTTKKIVSAVLAACMLASTAVVSSFAATADDSSAVSSDYARDNSYTKAAEDIDAQYAYSGNDLGVTYTKDATTFKVWSP
TATGVKLNIFTKGSDDEQGASKVASYTLEKMLVDGEWNGVWTITLVGEWKDYYYTYSVTTTDTTHIGSDATKTYETQDVY
STATGVNGKRSMIVDLDETDPEGWSNDSHVLLDKSTKSSVWELHIKDFSYDKASGVSDANRGKYLAFTENGTTLNGEGKV
STCIDYLKELGVTTVQLNPFYDFQSVNEAGDDSQFNWGYDPVNYNVPEGSYSSNPYDGKVRIKECKEMIKALHDAGISVV
MDVVYNHTYSTDSCFQYTVPNYYYRMKTTGAFSDGSGCGNEGATERAMYRQYVIDSLKYWVNEYHVDGFRFALMGLMDVE
TMNMAREALDQIDPRITMWGEGWAGGDSYHPTNTCSGTKFYPATQANASRLSDRIAIFNDGIRDGIKGSAMDISDVGFIQ
GSKSSAKGVSYGVRANSSGTYKWKAQAPSQCVTYDACHDNATLYDQIIASTGLADYGERNSEAVKMNRLASAIIYTSQGI
SFTLAGEEMARSKDGDTNSYKSAANLNMIKWQNVVDYADVVSYYKGMMQIKSAFSPLTAMDNSYADKYTFTKKVSASTNQ
ISFTIQNDVEGEWNKMAVIYNNATTAADVTLSDTSVTDWVVIANGETAGLDSLGEVTGSTFTVPARSAIVAVDKAGYESA
GIHSSKGKVKVNYVYEATGEKLEDSVILQGSVGSGYVTVPSAVIPDTYIVSRIGGNAEGKYTSDMQEVTYYYTDYIPES
;
_entity_poly.pdbx_strand_id   A
#
# COMPACT_ATOMS: atom_id res chain seq x y z
N ALA A 35 -19.67 7.22 -13.45
CA ALA A 35 -19.49 8.69 -13.22
C ALA A 35 -18.45 8.94 -12.13
N VAL A 36 -17.84 10.12 -12.16
CA VAL A 36 -17.08 10.67 -11.05
C VAL A 36 -18.07 11.43 -10.16
N SER A 37 -18.06 11.12 -8.86
CA SER A 37 -18.93 11.76 -7.88
C SER A 37 -18.61 13.26 -7.79
N SER A 38 -19.59 14.06 -7.38
CA SER A 38 -19.49 15.51 -7.35
C SER A 38 -19.23 15.99 -5.91
N ASP A 39 -18.69 17.21 -5.80
CA ASP A 39 -18.60 17.92 -4.52
C ASP A 39 -19.35 19.25 -4.67
N TYR A 40 -20.00 19.69 -3.59
CA TYR A 40 -20.85 20.86 -3.59
C TYR A 40 -20.45 21.80 -2.45
N ALA A 41 -20.24 23.07 -2.79
CA ALA A 41 -20.03 24.15 -1.82
C ALA A 41 -21.39 24.69 -1.37
N ARG A 42 -21.82 24.30 -0.16
CA ARG A 42 -23.07 24.75 0.45
C ARG A 42 -22.80 25.20 1.88
N ASP A 43 -23.08 26.48 2.16
CA ASP A 43 -22.98 27.05 3.51
C ASP A 43 -24.37 26.99 4.15
N ASN A 44 -24.40 26.67 5.45
CA ASN A 44 -25.64 26.43 6.19
C ASN A 44 -25.40 26.71 7.68
N SER A 45 -26.43 26.47 8.49
CA SER A 45 -26.43 26.71 9.94
C SER A 45 -25.26 25.98 10.62
N TYR A 46 -24.97 24.76 10.17
CA TYR A 46 -23.97 23.89 10.79
C TYR A 46 -22.55 24.40 10.52
N THR A 47 -22.28 24.77 9.26
CA THR A 47 -20.94 25.21 8.85
C THR A 47 -20.63 26.57 9.47
N LYS A 48 -21.62 27.46 9.51
CA LYS A 48 -21.48 28.80 10.09
C LYS A 48 -21.24 28.69 11.61
N ALA A 49 -21.89 27.70 12.24
CA ALA A 49 -21.72 27.43 13.67
C ALA A 49 -20.30 26.92 13.95
N ALA A 50 -19.83 26.00 13.11
CA ALA A 50 -18.51 25.38 13.24
C ALA A 50 -17.41 26.43 13.05
N GLU A 51 -17.60 27.32 12.06
CA GLU A 51 -16.66 28.39 11.73
C GLU A 51 -16.53 29.36 12.92
N ASP A 52 -17.65 29.66 13.57
CA ASP A 52 -17.69 30.55 14.74
C ASP A 52 -16.95 29.91 15.91
N ILE A 53 -17.10 28.58 16.06
CA ILE A 53 -16.43 27.82 17.11
C ILE A 53 -14.92 27.87 16.92
N ASP A 54 -14.47 27.77 15.65
CA ASP A 54 -13.04 27.80 15.30
C ASP A 54 -12.45 29.17 15.63
N ALA A 55 -13.17 30.25 15.27
CA ALA A 55 -12.71 31.62 15.47
C ALA A 55 -12.45 31.90 16.96
N GLN A 56 -13.31 31.35 17.84
CA GLN A 56 -13.22 31.62 19.28
C GLN A 56 -12.32 30.59 19.98
N TYR A 57 -12.52 29.29 19.68
CA TYR A 57 -12.05 28.21 20.56
C TYR A 57 -10.91 27.38 19.94
N ALA A 58 -10.50 27.66 18.70
CA ALA A 58 -9.40 26.88 18.09
C ALA A 58 -8.22 26.82 19.06
N TYR A 59 -7.72 25.59 19.29
CA TYR A 59 -6.68 25.31 20.30
C TYR A 59 -5.51 24.59 19.65
N SER A 60 -4.29 25.11 19.86
CA SER A 60 -3.07 24.60 19.24
C SER A 60 -2.07 24.13 20.31
N GLY A 61 -2.58 23.87 21.53
CA GLY A 61 -1.78 23.72 22.74
C GLY A 61 -0.89 22.49 22.74
N ASN A 62 -1.28 21.46 21.98
CA ASN A 62 -0.43 20.29 21.69
C ASN A 62 -0.50 19.25 22.82
N ASP A 63 -1.42 19.42 23.77
CA ASP A 63 -1.43 18.61 24.99
C ASP A 63 -2.84 18.05 25.28
N LEU A 64 -3.66 17.92 24.23
CA LEU A 64 -4.98 17.30 24.38
C LEU A 64 -4.81 15.80 24.58
N GLY A 65 -5.68 15.22 25.41
CA GLY A 65 -5.57 13.84 25.86
C GLY A 65 -4.82 13.75 27.17
N VAL A 66 -3.95 12.74 27.30
CA VAL A 66 -3.26 12.41 28.54
C VAL A 66 -1.80 12.86 28.46
N THR A 67 -1.32 13.47 29.55
CA THR A 67 0.09 13.79 29.76
C THR A 67 0.57 13.07 31.04
N TYR A 68 1.23 11.93 30.86
CA TYR A 68 1.63 11.07 31.97
C TYR A 68 3.00 11.50 32.53
N THR A 69 3.08 11.52 33.87
CA THR A 69 4.34 11.38 34.60
C THR A 69 4.07 10.51 35.83
N LYS A 70 5.14 10.04 36.47
CA LYS A 70 5.04 9.16 37.64
C LYS A 70 4.32 9.86 38.80
N ASP A 71 4.48 11.19 38.86
CA ASP A 71 4.02 12.01 39.99
C ASP A 71 2.57 12.47 39.78
N ALA A 72 2.13 12.56 38.51
CA ALA A 72 0.81 13.11 38.19
C ALA A 72 0.44 12.77 36.73
N THR A 73 -0.87 12.74 36.47
CA THR A 73 -1.42 12.54 35.12
C THR A 73 -2.48 13.60 34.87
N THR A 74 -2.34 14.33 33.76
CA THR A 74 -3.23 15.43 33.39
C THR A 74 -4.05 15.03 32.16
N PHE A 75 -5.36 15.32 32.21
CA PHE A 75 -6.30 15.01 31.15
C PHE A 75 -6.84 16.32 30.56
N LYS A 76 -6.90 16.40 29.23
CA LYS A 76 -7.42 17.57 28.53
C LYS A 76 -8.39 17.11 27.42
N VAL A 77 -9.57 17.73 27.40
CA VAL A 77 -10.61 17.46 26.42
C VAL A 77 -11.05 18.79 25.81
N TRP A 78 -11.02 18.87 24.47
CA TRP A 78 -11.54 20.02 23.74
C TRP A 78 -13.01 19.79 23.40
N SER A 79 -13.89 20.61 23.97
CA SER A 79 -15.32 20.56 23.69
C SER A 79 -16.00 21.86 24.12
N PRO A 80 -16.06 22.89 23.23
CA PRO A 80 -16.78 24.13 23.53
C PRO A 80 -18.29 23.96 23.73
N THR A 81 -18.85 22.86 23.19
CA THR A 81 -20.27 22.56 23.22
C THR A 81 -20.69 22.00 24.59
N ALA A 82 -19.72 21.50 25.36
CA ALA A 82 -19.99 20.78 26.62
C ALA A 82 -20.36 21.77 27.73
N THR A 83 -21.21 21.30 28.65
CA THR A 83 -21.54 21.99 29.89
C THR A 83 -20.78 21.35 31.07
N GLY A 84 -20.36 20.09 30.90
CA GLY A 84 -19.58 19.36 31.89
C GLY A 84 -18.93 18.12 31.31
N VAL A 85 -17.73 17.79 31.82
CA VAL A 85 -16.99 16.60 31.44
C VAL A 85 -16.53 15.89 32.73
N LYS A 86 -16.77 14.58 32.79
CA LYS A 86 -16.45 13.75 33.95
C LYS A 86 -15.51 12.62 33.52
N LEU A 87 -14.43 12.44 34.28
CA LEU A 87 -13.43 11.39 34.03
C LEU A 87 -13.80 10.16 34.86
N ASN A 88 -13.88 8.99 34.20
CA ASN A 88 -14.21 7.72 34.83
C ASN A 88 -12.99 6.80 34.75
N ILE A 89 -12.51 6.30 35.90
CA ILE A 89 -11.33 5.43 35.97
C ILE A 89 -11.77 3.99 36.27
N PHE A 90 -11.13 3.04 35.58
CA PHE A 90 -11.35 1.60 35.74
C PHE A 90 -10.00 0.90 35.89
N THR A 91 -10.03 -0.31 36.45
CA THR A 91 -8.84 -1.15 36.65
C THR A 91 -8.51 -1.91 35.35
N LYS A 92 -9.56 -2.33 34.62
CA LYS A 92 -9.43 -3.12 33.39
C LYS A 92 -10.16 -2.40 32.25
N GLY A 93 -9.84 -2.82 31.02
CA GLY A 93 -10.37 -2.23 29.80
C GLY A 93 -11.78 -2.71 29.46
N SER A 94 -12.19 -3.83 30.07
CA SER A 94 -13.55 -4.36 29.93
C SER A 94 -13.99 -4.98 31.27
N ASP A 95 -15.31 -5.22 31.39
CA ASP A 95 -15.93 -5.65 32.64
C ASP A 95 -15.94 -7.18 32.76
N ASP A 96 -15.41 -7.88 31.75
CA ASP A 96 -15.35 -9.34 31.73
C ASP A 96 -14.08 -9.83 32.44
N GLU A 97 -13.03 -9.01 32.45
CA GLU A 97 -11.67 -9.42 32.85
C GLU A 97 -11.60 -9.59 34.37
N GLN A 98 -10.64 -10.43 34.80
CA GLN A 98 -10.31 -10.60 36.21
C GLN A 98 -9.78 -9.29 36.78
N GLY A 99 -10.28 -8.90 37.96
CA GLY A 99 -9.85 -7.70 38.67
C GLY A 99 -10.48 -6.43 38.11
N ALA A 100 -11.53 -6.58 37.30
CA ALA A 100 -12.24 -5.45 36.68
C ALA A 100 -13.14 -4.78 37.72
N SER A 101 -13.00 -3.46 37.86
CA SER A 101 -13.80 -2.68 38.80
C SER A 101 -13.71 -1.18 38.46
N LYS A 102 -14.77 -0.44 38.78
CA LYS A 102 -14.76 1.02 38.74
C LYS A 102 -13.97 1.53 39.94
N VAL A 103 -13.05 2.46 39.70
CA VAL A 103 -12.19 3.02 40.74
C VAL A 103 -12.89 4.26 41.33
N ALA A 104 -13.09 5.28 40.49
CA ALA A 104 -13.75 6.53 40.88
C ALA A 104 -13.97 7.41 39.64
N SER A 105 -14.78 8.46 39.80
CA SER A 105 -15.02 9.46 38.76
C SER A 105 -14.66 10.86 39.30
N TYR A 106 -14.22 11.74 38.39
CA TYR A 106 -13.73 13.07 38.73
C TYR A 106 -14.35 14.10 37.77
N THR A 107 -14.47 15.34 38.26
CA THR A 107 -15.03 16.47 37.49
C THR A 107 -13.89 17.28 36.88
N LEU A 108 -13.85 17.37 35.55
CA LEU A 108 -12.93 18.27 34.85
C LEU A 108 -13.47 19.70 34.95
N GLU A 109 -12.54 20.67 34.93
CA GLU A 109 -12.85 22.10 35.06
C GLU A 109 -12.39 22.82 33.79
N LYS A 110 -13.08 23.93 33.46
CA LYS A 110 -12.76 24.77 32.32
C LYS A 110 -11.40 25.44 32.53
N MET A 111 -10.60 25.52 31.46
CA MET A 111 -9.35 26.29 31.44
C MET A 111 -9.66 27.76 31.18
N LEU A 112 -9.56 28.59 32.22
CA LEU A 112 -9.87 30.02 32.14
C LEU A 112 -8.59 30.85 32.22
N VAL A 113 -8.61 32.02 31.56
CA VAL A 113 -7.59 33.07 31.72
C VAL A 113 -8.31 34.42 31.75
N ASP A 114 -8.10 35.19 32.81
CA ASP A 114 -8.81 36.46 33.04
C ASP A 114 -10.30 36.29 32.74
N GLY A 115 -10.87 35.16 33.17
CA GLY A 115 -12.30 34.86 33.05
C GLY A 115 -12.72 34.39 31.66
N GLU A 116 -11.75 34.07 30.79
CA GLU A 116 -12.01 33.67 29.40
C GLU A 116 -11.69 32.19 29.20
N TRP A 117 -12.64 31.46 28.60
CA TRP A 117 -12.56 30.02 28.37
C TRP A 117 -11.96 29.76 26.98
N ASN A 118 -11.00 28.83 26.90
CA ASN A 118 -10.29 28.48 25.66
C ASN A 118 -10.93 27.25 25.00
N GLY A 119 -12.00 26.72 25.61
CA GLY A 119 -12.78 25.60 25.09
C GLY A 119 -12.32 24.25 25.63
N VAL A 120 -11.30 24.26 26.51
CA VAL A 120 -10.63 23.04 26.96
C VAL A 120 -11.04 22.74 28.41
N TRP A 121 -11.33 21.46 28.67
CA TRP A 121 -11.57 20.91 30.01
C TRP A 121 -10.29 20.23 30.50
N THR A 122 -9.99 20.33 31.80
CA THR A 122 -8.76 19.78 32.35
C THR A 122 -8.96 19.32 33.80
N ILE A 123 -8.20 18.29 34.18
CA ILE A 123 -7.95 17.90 35.56
C ILE A 123 -6.58 17.22 35.63
N THR A 124 -5.94 17.33 36.80
CA THR A 124 -4.65 16.69 37.09
C THR A 124 -4.81 15.78 38.31
N LEU A 125 -4.60 14.48 38.11
CA LEU A 125 -4.60 13.49 39.19
C LEU A 125 -3.17 13.32 39.73
N VAL A 126 -2.99 13.59 41.02
CA VAL A 126 -1.70 13.44 41.70
C VAL A 126 -1.50 11.95 42.05
N GLY A 127 -0.27 11.47 41.84
CA GLY A 127 0.11 10.09 42.13
C GLY A 127 0.40 9.28 40.87
N GLU A 128 0.60 7.97 41.05
CA GLU A 128 0.93 7.04 39.98
C GLU A 128 -0.37 6.44 39.42
N TRP A 129 -0.68 6.75 38.15
CA TRP A 129 -1.94 6.37 37.51
C TRP A 129 -1.70 5.54 36.25
N LYS A 130 -0.47 5.05 36.05
CA LYS A 130 -0.13 4.29 34.85
C LYS A 130 -0.84 2.93 34.90
N ASP A 131 -1.36 2.51 33.75
CA ASP A 131 -1.96 1.19 33.51
C ASP A 131 -3.40 1.14 34.04
N TYR A 132 -3.95 2.30 34.41
CA TYR A 132 -5.40 2.44 34.65
C TYR A 132 -6.08 2.76 33.33
N TYR A 133 -7.35 2.33 33.22
CA TYR A 133 -8.18 2.59 32.05
C TYR A 133 -9.18 3.69 32.39
N TYR A 134 -9.64 4.43 31.37
CA TYR A 134 -10.53 5.58 31.61
C TYR A 134 -11.46 5.82 30.41
N THR A 135 -12.60 6.45 30.71
CA THR A 135 -13.52 7.02 29.74
C THR A 135 -13.89 8.44 30.20
N TYR A 136 -14.50 9.21 29.29
CA TYR A 136 -15.10 10.51 29.62
C TYR A 136 -16.63 10.39 29.50
N SER A 137 -17.33 11.04 30.44
CA SER A 137 -18.77 11.29 30.34
C SER A 137 -18.98 12.75 29.96
N VAL A 138 -19.29 13.00 28.68
CA VAL A 138 -19.43 14.35 28.12
C VAL A 138 -20.92 14.71 28.06
N THR A 139 -21.31 15.72 28.85
CA THR A 139 -22.62 16.36 28.75
C THR A 139 -22.47 17.60 27.86
N THR A 140 -23.18 17.61 26.71
CA THR A 140 -22.92 18.58 25.66
C THR A 140 -24.18 18.83 24.83
N THR A 141 -24.24 20.05 24.27
CA THR A 141 -25.14 20.41 23.18
C THR A 141 -24.46 20.02 21.87
N ASP A 142 -25.13 20.28 20.74
CA ASP A 142 -24.49 20.24 19.42
C ASP A 142 -24.01 21.65 19.07
N THR A 143 -23.37 21.79 17.91
CA THR A 143 -22.70 23.03 17.50
C THR A 143 -23.70 24.18 17.31
N THR A 144 -24.95 23.85 16.94
CA THR A 144 -25.97 24.84 16.60
C THR A 144 -26.88 25.15 17.79
N HIS A 145 -26.52 24.67 19.00
CA HIS A 145 -27.33 24.89 20.20
C HIS A 145 -26.44 25.14 21.43
N ILE A 146 -25.28 25.79 21.23
CA ILE A 146 -24.36 26.11 22.33
C ILE A 146 -25.04 27.12 23.25
N GLY A 147 -24.95 26.88 24.56
CA GLY A 147 -25.49 27.76 25.59
C GLY A 147 -26.90 27.38 26.01
N SER A 148 -27.53 26.46 25.27
CA SER A 148 -28.89 26.02 25.53
C SER A 148 -28.88 24.86 26.55
N ASP A 149 -30.08 24.48 26.99
CA ASP A 149 -30.28 23.41 27.96
C ASP A 149 -30.55 22.07 27.24
N ALA A 150 -30.49 22.08 25.90
CA ALA A 150 -30.67 20.88 25.08
C ALA A 150 -29.38 20.07 25.06
N THR A 151 -29.14 19.34 26.16
CA THR A 151 -27.90 18.57 26.36
C THR A 151 -28.20 17.06 26.36
N LYS A 152 -27.17 16.28 26.03
CA LYS A 152 -27.16 14.83 26.18
C LYS A 152 -25.80 14.40 26.74
N THR A 153 -25.79 13.28 27.47
CA THR A 153 -24.56 12.75 28.07
C THR A 153 -24.15 11.47 27.32
N TYR A 154 -22.87 11.42 26.92
CA TYR A 154 -22.28 10.28 26.20
C TYR A 154 -21.02 9.82 26.92
N GLU A 155 -20.90 8.49 27.10
CA GLU A 155 -19.65 7.88 27.55
C GLU A 155 -18.82 7.54 26.30
N THR A 156 -17.52 7.84 26.36
CA THR A 156 -16.62 7.70 25.21
C THR A 156 -15.18 7.49 25.67
N GLN A 157 -14.39 6.81 24.83
CA GLN A 157 -12.93 6.78 24.97
C GLN A 157 -12.38 8.15 24.55
N ASP A 158 -11.11 8.39 24.89
CA ASP A 158 -10.43 9.65 24.58
C ASP A 158 -10.29 9.78 23.06
N VAL A 159 -10.60 10.98 22.54
CA VAL A 159 -10.40 11.31 21.12
C VAL A 159 -8.90 11.18 20.80
N TYR A 160 -8.05 11.54 21.77
CA TYR A 160 -6.59 11.51 21.64
C TYR A 160 -6.01 10.31 22.39
N SER A 161 -6.66 9.15 22.28
CA SER A 161 -6.18 7.90 22.88
C SER A 161 -4.86 7.49 22.23
N THR A 162 -3.87 7.12 23.06
CA THR A 162 -2.62 6.50 22.60
C THR A 162 -2.61 5.01 22.96
N ALA A 163 -3.65 4.56 23.69
CA ALA A 163 -3.80 3.16 24.09
C ALA A 163 -5.25 2.93 24.52
N THR A 164 -5.78 1.75 24.18
CA THR A 164 -7.09 1.30 24.64
C THR A 164 -7.01 -0.16 25.11
N GLY A 165 -8.07 -0.60 25.79
CA GLY A 165 -8.31 -2.00 26.09
C GLY A 165 -8.87 -2.72 24.87
N VAL A 166 -9.54 -3.84 25.12
CA VAL A 166 -10.10 -4.68 24.06
C VAL A 166 -11.27 -3.94 23.40
N ASN A 167 -11.25 -3.91 22.06
CA ASN A 167 -12.32 -3.38 21.19
C ASN A 167 -12.45 -1.85 21.34
N GLY A 168 -11.42 -1.20 21.87
CA GLY A 168 -11.23 0.26 21.80
C GLY A 168 -12.33 1.06 22.49
N LYS A 169 -12.90 0.54 23.58
CA LYS A 169 -13.99 1.19 24.30
C LYS A 169 -13.44 2.08 25.43
N ARG A 170 -12.38 1.62 26.10
CA ARG A 170 -11.76 2.32 27.21
C ARG A 170 -10.31 2.66 26.87
N SER A 171 -9.94 3.93 27.08
CA SER A 171 -8.56 4.40 26.93
C SER A 171 -7.71 3.84 28.07
N MET A 172 -6.38 3.86 27.88
CA MET A 172 -5.42 3.38 28.88
C MET A 172 -4.33 4.44 29.09
N ILE A 173 -4.03 4.72 30.36
CA ILE A 173 -2.93 5.59 30.75
C ILE A 173 -1.64 4.76 30.69
N VAL A 174 -0.71 5.14 29.81
CA VAL A 174 0.50 4.36 29.59
C VAL A 174 1.73 5.28 29.62
N ASP A 175 2.83 4.73 30.14
CA ASP A 175 4.17 5.25 29.93
C ASP A 175 4.67 4.67 28.61
N LEU A 176 4.74 5.52 27.57
CA LEU A 176 5.06 5.08 26.21
C LEU A 176 6.50 4.54 26.14
N ASP A 177 7.35 4.92 27.10
CA ASP A 177 8.71 4.38 27.23
C ASP A 177 8.67 2.86 27.45
N GLU A 178 7.68 2.38 28.21
CA GLU A 178 7.54 0.96 28.58
C GLU A 178 7.14 0.11 27.37
N THR A 179 6.65 0.75 26.29
CA THR A 179 6.17 0.06 25.10
C THR A 179 7.27 -0.02 24.02
N ASP A 180 8.43 0.61 24.26
CA ASP A 180 9.55 0.60 23.33
C ASP A 180 10.26 -0.76 23.41
N PRO A 181 10.34 -1.53 22.30
CA PRO A 181 11.05 -2.81 22.31
C PRO A 181 12.58 -2.62 22.44
N GLU A 182 13.30 -3.73 22.64
CA GLU A 182 14.76 -3.72 22.74
C GLU A 182 15.34 -3.15 21.44
N GLY A 183 16.19 -2.13 21.58
CA GLY A 183 16.89 -1.51 20.46
C GLY A 183 16.03 -0.54 19.67
N TRP A 184 14.95 -0.04 20.29
CA TRP A 184 14.02 0.90 19.65
C TRP A 184 14.68 2.27 19.51
N SER A 185 15.56 2.61 20.46
CA SER A 185 16.26 3.89 20.50
C SER A 185 17.22 4.01 19.30
N ASN A 186 17.70 2.87 18.79
CA ASN A 186 18.65 2.81 17.68
C ASN A 186 17.93 2.60 16.34
N ASP A 187 16.61 2.43 16.37
CA ASP A 187 15.82 2.22 15.15
C ASP A 187 15.61 3.57 14.45
N SER A 188 16.15 3.67 13.22
CA SER A 188 16.05 4.87 12.39
C SER A 188 14.99 4.66 11.31
N HIS A 189 14.43 5.77 10.82
CA HIS A 189 13.60 5.77 9.63
C HIS A 189 14.38 5.17 8.46
N VAL A 190 13.69 4.42 7.60
CA VAL A 190 14.21 3.97 6.32
C VAL A 190 13.52 4.78 5.23
N LEU A 191 14.23 5.76 4.66
CA LEU A 191 13.68 6.72 3.71
C LEU A 191 14.37 6.56 2.36
N LEU A 192 13.56 6.64 1.29
CA LEU A 192 14.06 6.62 -0.08
C LEU A 192 14.60 8.02 -0.43
N ASP A 193 15.73 8.05 -1.15
CA ASP A 193 16.34 9.27 -1.65
C ASP A 193 15.31 10.05 -2.48
N LYS A 194 14.61 9.31 -3.35
CA LYS A 194 13.49 9.81 -4.14
C LYS A 194 12.33 8.81 -4.02
N SER A 195 11.10 9.32 -3.97
CA SER A 195 9.90 8.49 -3.90
C SER A 195 9.81 7.59 -5.15
N THR A 196 10.27 8.11 -6.30
CA THR A 196 10.19 7.43 -7.59
C THR A 196 11.22 6.31 -7.72
N LYS A 197 12.10 6.16 -6.73
CA LYS A 197 13.04 5.03 -6.65
C LYS A 197 12.41 3.83 -5.90
N SER A 198 11.15 3.99 -5.46
CA SER A 198 10.48 3.00 -4.63
C SER A 198 10.04 1.78 -5.44
N SER A 199 9.86 0.66 -4.72
CA SER A 199 9.10 -0.50 -5.18
C SER A 199 8.21 -0.96 -4.02
N VAL A 200 6.89 -0.70 -4.14
CA VAL A 200 5.94 -0.81 -3.03
C VAL A 200 5.25 -2.17 -3.11
N TRP A 201 5.22 -2.87 -1.95
CA TRP A 201 4.56 -4.14 -1.73
C TRP A 201 3.36 -3.91 -0.78
N GLU A 202 2.14 -3.87 -1.34
CA GLU A 202 0.94 -3.57 -0.55
C GLU A 202 0.46 -4.84 0.17
N LEU A 203 0.52 -4.83 1.50
CA LEU A 203 0.39 -6.03 2.32
C LEU A 203 -0.63 -5.81 3.44
N HIS A 204 -1.41 -6.85 3.71
CA HIS A 204 -2.31 -6.97 4.87
C HIS A 204 -1.64 -7.89 5.89
N ILE A 205 -1.68 -7.50 7.17
CA ILE A 205 -0.84 -8.11 8.21
C ILE A 205 -1.24 -9.58 8.41
N LYS A 206 -2.55 -9.88 8.37
CA LYS A 206 -3.02 -11.26 8.51
C LYS A 206 -2.61 -12.07 7.26
N ASP A 207 -2.80 -11.48 6.07
CA ASP A 207 -2.49 -12.10 4.79
C ASP A 207 -1.03 -12.59 4.78
N PHE A 208 -0.13 -11.79 5.38
CA PHE A 208 1.31 -12.01 5.34
C PHE A 208 1.70 -13.41 5.78
N SER A 209 1.03 -13.95 6.82
CA SER A 209 1.51 -15.17 7.48
C SER A 209 0.39 -16.06 8.05
N TYR A 210 -0.87 -15.86 7.62
CA TYR A 210 -1.98 -16.69 8.14
C TYR A 210 -1.86 -18.12 7.60
N ASP A 211 -1.27 -18.27 6.41
CA ASP A 211 -1.00 -19.56 5.80
C ASP A 211 -0.02 -20.33 6.68
N LYS A 212 -0.36 -21.60 6.97
CA LYS A 212 0.47 -22.50 7.77
C LYS A 212 1.77 -22.80 7.03
N ALA A 213 1.72 -22.77 5.69
CA ALA A 213 2.87 -23.03 4.82
C ALA A 213 3.85 -21.86 4.83
N SER A 214 3.48 -20.74 5.46
CA SER A 214 4.37 -19.57 5.63
C SER A 214 5.61 -19.94 6.43
N GLY A 215 5.48 -20.95 7.31
CA GLY A 215 6.58 -21.42 8.15
C GLY A 215 6.74 -20.58 9.41
N VAL A 216 5.77 -19.68 9.64
CA VAL A 216 5.73 -18.81 10.82
C VAL A 216 5.12 -19.61 11.98
N SER A 217 5.60 -19.34 13.19
CA SER A 217 5.19 -20.05 14.40
C SER A 217 3.69 -19.92 14.63
N ASP A 218 3.11 -20.91 15.31
CA ASP A 218 1.67 -21.00 15.59
C ASP A 218 1.18 -19.70 16.23
N ALA A 219 1.96 -19.19 17.20
CA ALA A 219 1.58 -18.03 18.01
C ALA A 219 1.50 -16.76 17.16
N ASN A 220 2.37 -16.63 16.15
CA ASN A 220 2.63 -15.36 15.47
C ASN A 220 1.98 -15.28 14.08
N ARG A 221 1.36 -16.37 13.61
CA ARG A 221 0.74 -16.38 12.27
C ARG A 221 -0.41 -15.36 12.24
N GLY A 222 -0.33 -14.43 11.28
CA GLY A 222 -1.33 -13.39 11.06
C GLY A 222 -1.25 -12.27 12.09
N LYS A 223 -0.06 -12.08 12.67
CA LYS A 223 0.16 -11.12 13.76
C LYS A 223 1.32 -10.19 13.41
N TYR A 224 1.47 -9.13 14.22
CA TYR A 224 2.55 -8.15 14.10
C TYR A 224 3.92 -8.86 14.16
N LEU A 225 4.04 -9.85 15.04
CA LEU A 225 5.33 -10.46 15.41
C LEU A 225 5.81 -11.47 14.35
N ALA A 226 4.97 -11.79 13.35
CA ALA A 226 5.38 -12.64 12.23
C ALA A 226 6.58 -12.03 11.49
N PHE A 227 6.60 -10.69 11.44
CA PHE A 227 7.62 -9.91 10.71
C PHE A 227 9.00 -10.05 11.38
N THR A 228 9.02 -10.44 12.66
CA THR A 228 10.25 -10.55 13.44
C THR A 228 10.91 -11.92 13.25
N GLU A 229 10.21 -12.85 12.61
CA GLU A 229 10.68 -14.23 12.44
C GLU A 229 11.56 -14.33 11.18
N ASN A 230 12.87 -14.47 11.42
CA ASN A 230 13.87 -14.69 10.36
C ASN A 230 14.04 -16.20 10.14
N GLY A 231 14.51 -16.55 8.94
CA GLY A 231 14.84 -17.93 8.59
C GLY A 231 13.60 -18.80 8.37
N THR A 232 12.46 -18.16 8.06
CA THR A 232 11.22 -18.89 7.78
C THR A 232 11.28 -19.45 6.35
N THR A 233 10.76 -20.68 6.19
CA THR A 233 10.77 -21.37 4.90
C THR A 233 9.40 -22.01 4.65
N LEU A 234 9.17 -22.42 3.40
CA LEU A 234 7.92 -23.04 2.97
C LEU A 234 7.73 -24.36 3.73
N ASN A 235 6.64 -24.41 4.53
CA ASN A 235 6.27 -25.57 5.35
C ASN A 235 7.39 -25.90 6.35
N GLY A 236 8.24 -24.91 6.64
CA GLY A 236 9.38 -25.06 7.56
C GLY A 236 10.34 -26.17 7.17
N GLU A 237 10.42 -26.49 5.86
CA GLU A 237 11.20 -27.62 5.37
C GLU A 237 12.65 -27.19 5.06
N GLY A 238 12.89 -25.88 5.00
CA GLY A 238 14.23 -25.32 4.91
C GLY A 238 14.79 -25.34 3.49
N LYS A 239 13.92 -25.14 2.49
CA LYS A 239 14.30 -25.26 1.08
C LYS A 239 14.19 -23.89 0.38
N VAL A 240 13.07 -23.18 0.59
CA VAL A 240 12.86 -21.85 -0.02
C VAL A 240 12.35 -20.88 1.06
N SER A 241 12.76 -19.62 0.94
CA SER A 241 12.47 -18.59 1.92
C SER A 241 11.03 -18.08 1.75
N THR A 242 10.42 -17.69 2.89
CA THR A 242 9.11 -17.07 2.96
C THR A 242 9.19 -15.81 3.81
N CYS A 243 8.09 -15.04 3.82
CA CYS A 243 7.88 -13.88 4.69
C CYS A 243 9.06 -12.89 4.58
N ILE A 244 9.69 -12.53 5.70
CA ILE A 244 10.64 -11.39 5.72
C ILE A 244 11.88 -11.72 4.88
N ASP A 245 12.35 -12.97 4.94
CA ASP A 245 13.52 -13.42 4.17
C ASP A 245 13.20 -13.38 2.67
N TYR A 246 11.95 -13.67 2.31
CA TYR A 246 11.47 -13.59 0.94
C TYR A 246 11.52 -12.15 0.43
N LEU A 247 11.11 -11.21 1.28
CA LEU A 247 11.05 -9.78 0.94
C LEU A 247 12.47 -9.22 0.73
N LYS A 248 13.42 -9.68 1.53
CA LYS A 248 14.83 -9.30 1.40
C LYS A 248 15.35 -9.74 0.03
N GLU A 249 14.96 -10.94 -0.40
CA GLU A 249 15.38 -11.52 -1.68
C GLU A 249 14.69 -10.80 -2.84
N LEU A 250 13.39 -10.52 -2.70
CA LEU A 250 12.60 -9.87 -3.75
C LEU A 250 13.16 -8.46 -4.02
N GLY A 251 13.53 -7.76 -2.95
CA GLY A 251 14.25 -6.49 -3.03
C GLY A 251 13.33 -5.29 -3.07
N VAL A 252 12.08 -5.46 -2.60
CA VAL A 252 11.15 -4.34 -2.47
C VAL A 252 11.76 -3.32 -1.49
N THR A 253 11.62 -2.03 -1.81
CA THR A 253 12.12 -0.95 -0.98
C THR A 253 11.13 -0.63 0.14
N THR A 254 9.84 -0.86 -0.14
CA THR A 254 8.75 -0.34 0.68
C THR A 254 7.66 -1.42 0.86
N VAL A 255 7.18 -1.56 2.10
CA VAL A 255 5.97 -2.31 2.40
C VAL A 255 4.91 -1.31 2.88
N GLN A 256 3.82 -1.20 2.12
CA GLN A 256 2.63 -0.46 2.52
C GLN A 256 1.68 -1.43 3.24
N LEU A 257 1.31 -1.09 4.49
CA LEU A 257 0.49 -1.95 5.32
C LEU A 257 -0.95 -1.44 5.33
N ASN A 258 -1.89 -2.37 5.06
CA ASN A 258 -3.33 -2.13 5.18
C ASN A 258 -3.63 -1.76 6.63
N PRO A 259 -4.78 -1.07 6.91
CA PRO A 259 -5.04 -0.49 8.23
C PRO A 259 -4.52 -1.26 9.45
N PHE A 260 -3.59 -0.64 10.21
CA PHE A 260 -3.17 -1.18 11.51
C PHE A 260 -3.39 -0.16 12.63
N TYR A 261 -4.06 0.96 12.32
CA TYR A 261 -4.80 1.73 13.33
C TYR A 261 -5.97 0.87 13.81
N ASP A 262 -6.57 1.25 14.94
CA ASP A 262 -7.64 0.46 15.56
C ASP A 262 -8.94 0.63 14.77
N PHE A 263 -9.44 -0.49 14.21
CA PHE A 263 -10.70 -0.52 13.46
C PHE A 263 -11.73 -1.39 14.19
N GLN A 264 -12.98 -1.34 13.71
CA GLN A 264 -14.15 -1.86 14.43
C GLN A 264 -14.43 -3.33 14.09
N SER A 265 -14.16 -3.71 12.83
CA SER A 265 -14.87 -4.81 12.15
C SER A 265 -14.29 -6.20 12.45
N VAL A 266 -13.31 -6.29 13.37
CA VAL A 266 -12.85 -7.57 13.92
C VAL A 266 -13.05 -7.55 15.44
N ASN A 267 -13.82 -8.51 15.95
CA ASN A 267 -14.02 -8.67 17.39
C ASN A 267 -12.74 -9.26 18.00
N GLU A 268 -12.05 -8.44 18.80
CA GLU A 268 -10.72 -8.74 19.32
C GLU A 268 -10.79 -9.82 20.40
N ALA A 269 -11.99 -10.06 20.95
CA ALA A 269 -12.23 -11.11 21.94
C ALA A 269 -12.82 -12.36 21.28
N GLY A 270 -12.77 -12.43 19.94
CA GLY A 270 -13.43 -13.48 19.17
C GLY A 270 -12.43 -14.45 18.54
N ASP A 271 -12.89 -15.15 17.49
CA ASP A 271 -12.18 -16.26 16.86
C ASP A 271 -11.02 -15.70 16.01
N ASP A 272 -9.99 -16.55 15.81
CA ASP A 272 -8.77 -16.21 15.09
C ASP A 272 -9.04 -16.11 13.57
N SER A 273 -10.12 -16.77 13.12
CA SER A 273 -10.42 -16.92 11.69
C SER A 273 -11.10 -15.68 11.10
N GLN A 274 -11.40 -14.67 11.92
CA GLN A 274 -12.02 -13.42 11.46
C GLN A 274 -11.06 -12.69 10.52
N PHE A 275 -11.62 -11.99 9.53
CA PHE A 275 -10.85 -11.17 8.60
C PHE A 275 -11.60 -9.87 8.29
N ASN A 276 -10.84 -8.77 8.21
CA ASN A 276 -11.30 -7.53 7.62
C ASN A 276 -10.07 -6.68 7.22
N TRP A 277 -10.19 -5.97 6.10
CA TRP A 277 -9.16 -5.01 5.67
C TRP A 277 -8.98 -3.94 6.76
N GLY A 278 -10.10 -3.51 7.34
CA GLY A 278 -10.12 -2.62 8.49
C GLY A 278 -10.25 -1.17 8.11
N TYR A 279 -11.05 -0.87 7.07
CA TYR A 279 -11.32 0.50 6.64
C TYR A 279 -12.53 1.03 7.43
N ASP A 280 -12.45 0.85 8.76
CA ASP A 280 -13.57 1.07 9.70
C ASP A 280 -13.00 1.68 10.98
N PRO A 281 -12.47 2.93 10.94
CA PRO A 281 -11.70 3.49 12.06
C PRO A 281 -12.49 3.76 13.34
N VAL A 282 -11.88 3.45 14.49
CA VAL A 282 -12.42 3.72 15.83
C VAL A 282 -11.44 4.61 16.60
N ASN A 283 -10.17 4.20 16.66
CA ASN A 283 -9.10 4.94 17.34
C ASN A 283 -7.93 5.13 16.38
N TYR A 284 -7.72 6.38 15.94
CA TYR A 284 -6.77 6.71 14.88
C TYR A 284 -5.32 6.54 15.35
N ASN A 285 -5.06 6.79 16.64
CA ASN A 285 -3.70 6.84 17.18
C ASN A 285 -3.43 5.66 18.11
N VAL A 286 -4.16 4.55 17.90
CA VAL A 286 -4.00 3.32 18.67
C VAL A 286 -3.87 2.15 17.69
N PRO A 287 -2.85 1.26 17.83
CA PRO A 287 -2.75 0.08 16.98
C PRO A 287 -3.97 -0.84 17.06
N GLU A 288 -4.21 -1.60 15.98
CA GLU A 288 -5.27 -2.61 15.91
C GLU A 288 -4.93 -3.74 16.90
N GLY A 289 -5.96 -4.19 17.65
CA GLY A 289 -5.79 -5.16 18.73
C GLY A 289 -5.64 -6.58 18.23
N SER A 290 -6.34 -6.93 17.14
CA SER A 290 -6.45 -8.31 16.66
C SER A 290 -5.13 -8.83 16.10
N TYR A 291 -4.22 -7.93 15.71
CA TYR A 291 -2.91 -8.31 15.15
C TYR A 291 -1.88 -8.52 16.28
N SER A 292 -2.26 -8.18 17.52
CA SER A 292 -1.41 -8.42 18.70
C SER A 292 -1.76 -9.78 19.32
N SER A 293 -0.91 -10.22 20.25
CA SER A 293 -1.06 -11.49 20.96
C SER A 293 -2.01 -11.33 22.16
N ASN A 294 -2.26 -10.08 22.56
CA ASN A 294 -3.06 -9.77 23.76
C ASN A 294 -3.68 -8.38 23.61
N PRO A 295 -4.98 -8.29 23.23
CA PRO A 295 -5.65 -6.99 23.07
C PRO A 295 -6.22 -6.40 24.38
N TYR A 296 -6.18 -7.17 25.47
CA TYR A 296 -6.79 -6.78 26.76
C TYR A 296 -5.87 -5.81 27.51
N ASP A 297 -4.57 -6.13 27.55
CA ASP A 297 -3.53 -5.22 28.04
C ASP A 297 -3.11 -4.32 26.88
N GLY A 298 -3.31 -3.00 27.06
CA GLY A 298 -3.21 -2.02 25.98
C GLY A 298 -1.78 -1.73 25.54
N LYS A 299 -0.80 -2.16 26.33
CA LYS A 299 0.62 -1.89 26.06
C LYS A 299 1.20 -2.92 25.09
N VAL A 300 0.65 -4.15 25.10
CA VAL A 300 1.23 -5.28 24.36
C VAL A 300 1.19 -5.00 22.86
N ARG A 301 0.04 -4.51 22.36
CA ARG A 301 -0.15 -4.26 20.93
C ARG A 301 0.78 -3.13 20.46
N ILE A 302 1.08 -2.17 21.35
CA ILE A 302 1.97 -1.05 21.04
C ILE A 302 3.39 -1.58 20.82
N LYS A 303 3.87 -2.42 21.75
CA LYS A 303 5.22 -2.97 21.69
C LYS A 303 5.36 -3.85 20.44
N GLU A 304 4.36 -4.71 20.19
CA GLU A 304 4.40 -5.68 19.10
C GLU A 304 4.30 -4.98 17.74
N CYS A 305 3.49 -3.91 17.67
CA CYS A 305 3.35 -3.08 16.48
C CYS A 305 4.70 -2.42 16.14
N LYS A 306 5.42 -1.99 17.19
CA LYS A 306 6.73 -1.34 17.04
C LYS A 306 7.77 -2.37 16.60
N GLU A 307 7.66 -3.60 17.10
CA GLU A 307 8.59 -4.69 16.76
C GLU A 307 8.46 -5.05 15.27
N MET A 308 7.22 -5.01 14.74
CA MET A 308 6.96 -5.22 13.32
C MET A 308 7.73 -4.19 12.48
N ILE A 309 7.57 -2.92 12.84
CA ILE A 309 8.16 -1.79 12.11
C ILE A 309 9.69 -1.88 12.20
N LYS A 310 10.21 -2.24 13.37
CA LYS A 310 11.65 -2.40 13.59
C LYS A 310 12.20 -3.52 12.69
N ALA A 311 11.49 -4.66 12.66
CA ALA A 311 11.90 -5.82 11.87
C ALA A 311 12.03 -5.44 10.39
N LEU A 312 11.08 -4.65 9.90
CA LEU A 312 11.06 -4.18 8.52
C LEU A 312 12.21 -3.19 8.29
N HIS A 313 12.47 -2.31 9.26
CA HIS A 313 13.58 -1.35 9.20
C HIS A 313 14.92 -2.09 9.18
N ASP A 314 15.04 -3.13 10.01
CA ASP A 314 16.26 -3.95 10.10
C ASP A 314 16.49 -4.70 8.77
N ALA A 315 15.40 -5.00 8.06
CA ALA A 315 15.45 -5.66 6.75
C ALA A 315 15.76 -4.65 5.64
N GLY A 316 15.85 -3.37 5.98
CA GLY A 316 16.17 -2.29 5.04
C GLY A 316 14.96 -1.87 4.22
N ILE A 317 13.78 -1.99 4.82
CA ILE A 317 12.51 -1.75 4.12
C ILE A 317 11.79 -0.57 4.78
N SER A 318 11.25 0.32 3.94
CA SER A 318 10.47 1.48 4.36
C SER A 318 9.02 1.06 4.64
N VAL A 319 8.43 1.63 5.69
CA VAL A 319 7.08 1.30 6.14
C VAL A 319 6.15 2.48 5.82
N VAL A 320 5.16 2.22 4.95
CA VAL A 320 4.11 3.19 4.62
C VAL A 320 2.80 2.71 5.25
N MET A 321 2.08 3.65 5.88
CA MET A 321 0.88 3.36 6.65
C MET A 321 -0.36 3.81 5.88
N ASP A 322 -1.30 2.88 5.68
CA ASP A 322 -2.61 3.18 5.11
C ASP A 322 -3.44 3.88 6.19
N VAL A 323 -3.87 5.11 5.91
CA VAL A 323 -4.60 5.94 6.88
C VAL A 323 -5.93 6.40 6.25
N VAL A 324 -6.94 6.56 7.11
CA VAL A 324 -8.34 6.64 6.72
C VAL A 324 -9.02 7.74 7.54
N TYR A 325 -8.54 8.97 7.39
CA TYR A 325 -9.06 10.13 8.12
C TYR A 325 -10.34 10.65 7.44
N ASN A 326 -10.64 10.13 6.25
CA ASN A 326 -11.76 10.60 5.44
C ASN A 326 -13.11 10.24 6.10
N HIS A 327 -13.14 9.16 6.91
CA HIS A 327 -14.37 8.74 7.59
C HIS A 327 -14.03 7.89 8.82
N THR A 328 -15.01 7.75 9.72
CA THR A 328 -14.97 6.82 10.86
C THR A 328 -16.06 5.76 10.68
N TYR A 329 -15.93 4.63 11.37
CA TYR A 329 -16.85 3.49 11.21
C TYR A 329 -18.30 3.96 11.34
N SER A 330 -18.58 4.77 12.37
CA SER A 330 -19.90 5.30 12.62
C SER A 330 -19.81 6.71 13.21
N THR A 331 -20.96 7.39 13.27
CA THR A 331 -21.09 8.70 13.90
C THR A 331 -21.37 8.54 15.40
N ASP A 332 -21.44 7.29 15.88
CA ASP A 332 -21.40 6.98 17.30
C ASP A 332 -19.93 6.81 17.72
N SER A 333 -19.17 7.90 17.58
CA SER A 333 -17.71 7.92 17.71
C SER A 333 -17.32 8.83 18.87
N CYS A 334 -16.03 8.81 19.20
CA CYS A 334 -15.46 9.69 20.24
C CYS A 334 -15.60 11.15 19.83
N PHE A 335 -15.48 11.42 18.52
CA PHE A 335 -15.56 12.76 17.96
C PHE A 335 -16.97 13.34 18.16
N GLN A 336 -17.99 12.58 17.76
CA GLN A 336 -19.38 13.02 17.82
C GLN A 336 -19.84 13.13 19.27
N TYR A 337 -19.35 12.23 20.13
CA TYR A 337 -19.73 12.19 21.54
C TYR A 337 -19.09 13.35 22.32
N THR A 338 -18.00 13.90 21.78
CA THR A 338 -17.25 14.99 22.43
C THR A 338 -17.79 16.35 21.93
N VAL A 339 -17.83 16.52 20.60
CA VAL A 339 -18.30 17.77 19.97
C VAL A 339 -19.26 17.42 18.85
N PRO A 340 -20.57 17.24 19.16
CA PRO A 340 -21.54 16.76 18.16
C PRO A 340 -21.72 17.70 16.95
N ASN A 341 -21.40 17.16 15.77
CA ASN A 341 -21.66 17.75 14.44
C ASN A 341 -20.53 18.72 14.03
N TYR A 342 -19.41 18.71 14.78
CA TYR A 342 -18.26 19.56 14.44
C TYR A 342 -17.31 18.83 13.49
N TYR A 343 -17.04 17.56 13.79
CA TYR A 343 -15.94 16.80 13.15
C TYR A 343 -16.39 16.17 11.82
N TYR A 344 -17.68 16.28 11.49
CA TYR A 344 -18.24 15.65 10.29
C TYR A 344 -18.88 16.73 9.39
N ARG A 345 -18.85 16.48 8.08
CA ARG A 345 -19.45 17.38 7.09
C ARG A 345 -20.97 17.21 7.13
N MET A 346 -21.68 18.30 7.45
CA MET A 346 -23.11 18.29 7.66
C MET A 346 -23.82 18.91 6.44
N LYS A 347 -24.83 18.21 5.93
CA LYS A 347 -25.75 18.74 4.93
C LYS A 347 -26.75 19.67 5.65
N THR A 348 -27.38 20.56 4.87
CA THR A 348 -28.33 21.56 5.38
C THR A 348 -29.48 20.88 6.12
N THR A 349 -29.86 19.69 5.64
CA THR A 349 -31.00 18.92 6.15
C THR A 349 -30.66 18.21 7.47
N GLY A 350 -29.42 18.36 7.95
CA GLY A 350 -28.97 17.76 9.21
C GLY A 350 -28.37 16.37 9.00
N ALA A 351 -28.48 15.85 7.77
CA ALA A 351 -27.91 14.56 7.39
C ALA A 351 -26.40 14.69 7.30
N PHE A 352 -25.69 13.60 7.63
CA PHE A 352 -24.25 13.50 7.43
C PHE A 352 -23.98 13.31 5.93
N SER A 353 -23.10 14.15 5.38
CA SER A 353 -22.60 13.98 4.02
C SER A 353 -21.91 12.62 3.91
N ASP A 354 -22.22 11.87 2.84
CA ASP A 354 -21.76 10.50 2.68
C ASP A 354 -20.88 10.40 1.43
N GLY A 355 -19.79 11.16 1.43
CA GLY A 355 -18.81 11.18 0.33
C GLY A 355 -17.89 9.97 0.36
N SER A 356 -17.80 9.32 1.53
CA SER A 356 -17.00 8.12 1.72
C SER A 356 -17.70 6.89 1.17
N GLY A 357 -19.05 6.91 1.20
CA GLY A 357 -19.87 5.75 0.90
C GLY A 357 -20.00 4.82 2.10
N CYS A 358 -19.57 5.30 3.27
CA CYS A 358 -19.52 4.52 4.51
C CYS A 358 -20.40 5.16 5.60
N GLY A 359 -21.01 6.32 5.31
CA GLY A 359 -22.04 6.92 6.18
C GLY A 359 -21.70 8.32 6.65
N ASN A 360 -20.42 8.72 6.51
CA ASN A 360 -19.96 10.02 7.00
C ASN A 360 -18.66 10.41 6.29
N GLU A 361 -18.24 11.67 6.48
CA GLU A 361 -16.92 12.14 6.05
C GLU A 361 -16.39 13.17 7.05
N GLY A 362 -15.12 12.97 7.45
CA GLY A 362 -14.42 13.87 8.37
C GLY A 362 -14.19 15.23 7.75
N ALA A 363 -14.48 16.28 8.51
CA ALA A 363 -14.39 17.66 8.05
C ALA A 363 -12.95 18.17 8.23
N THR A 364 -12.10 17.84 7.25
CA THR A 364 -10.67 18.19 7.25
C THR A 364 -10.47 19.70 7.24
N GLU A 365 -11.48 20.43 6.75
CA GLU A 365 -11.43 21.90 6.61
C GLU A 365 -11.60 22.58 7.99
N ARG A 366 -12.11 21.85 8.98
CA ARG A 366 -12.29 22.37 10.34
C ARG A 366 -10.94 22.44 11.06
N ALA A 367 -10.78 23.48 11.89
CA ALA A 367 -9.50 23.82 12.52
C ALA A 367 -8.97 22.65 13.36
N MET A 368 -9.85 22.00 14.13
CA MET A 368 -9.45 21.04 15.15
C MET A 368 -9.41 19.61 14.60
N TYR A 369 -9.96 19.37 13.39
CA TYR A 369 -9.76 18.07 12.72
C TYR A 369 -8.53 18.14 11.83
N ARG A 370 -8.34 19.28 11.14
CA ARG A 370 -7.10 19.58 10.43
C ARG A 370 -5.92 19.29 11.36
N GLN A 371 -5.97 19.90 12.56
CA GLN A 371 -4.92 19.77 13.55
C GLN A 371 -4.80 18.33 14.02
N TYR A 372 -5.93 17.67 14.29
CA TYR A 372 -5.95 16.28 14.73
C TYR A 372 -5.21 15.40 13.72
N VAL A 373 -5.53 15.57 12.43
CA VAL A 373 -4.99 14.75 11.35
C VAL A 373 -3.47 14.97 11.27
N ILE A 374 -3.03 16.22 11.25
CA ILE A 374 -1.60 16.55 11.11
C ILE A 374 -0.84 16.04 12.35
N ASP A 375 -1.39 16.28 13.54
CA ASP A 375 -0.78 15.82 14.79
C ASP A 375 -0.68 14.30 14.81
N SER A 376 -1.72 13.63 14.27
CA SER A 376 -1.77 12.17 14.20
C SER A 376 -0.66 11.64 13.29
N LEU A 377 -0.50 12.26 12.11
CA LEU A 377 0.53 11.87 11.14
C LEU A 377 1.92 11.99 11.78
N LYS A 378 2.16 13.11 12.47
CA LYS A 378 3.44 13.36 13.15
C LYS A 378 3.67 12.32 14.26
N TYR A 379 2.59 11.93 14.95
CA TYR A 379 2.64 10.96 16.04
C TYR A 379 3.13 9.61 15.52
N TRP A 380 2.53 9.13 14.42
CA TRP A 380 2.86 7.83 13.84
C TRP A 380 4.31 7.83 13.32
N VAL A 381 4.78 8.97 12.80
CA VAL A 381 6.15 9.12 12.31
C VAL A 381 7.12 9.09 13.50
N ASN A 382 6.85 9.89 14.54
CA ASN A 382 7.80 10.11 15.64
C ASN A 382 7.76 8.93 16.63
N GLU A 383 6.55 8.47 16.99
CA GLU A 383 6.38 7.46 18.05
C GLU A 383 6.63 6.06 17.49
N TYR A 384 6.14 5.78 16.27
CA TYR A 384 6.18 4.42 15.69
C TYR A 384 7.20 4.32 14.55
N HIS A 385 7.85 5.43 14.19
CA HIS A 385 8.88 5.48 13.15
C HIS A 385 8.30 5.11 11.77
N VAL A 386 7.04 5.50 11.51
CA VAL A 386 6.41 5.30 10.21
C VAL A 386 7.09 6.24 9.19
N ASP A 387 7.33 5.73 7.98
CA ASP A 387 8.20 6.39 6.98
C ASP A 387 7.36 7.11 5.90
N GLY A 388 6.05 6.86 5.87
CA GLY A 388 5.16 7.48 4.89
C GLY A 388 3.71 7.04 5.05
N PHE A 389 2.84 7.59 4.22
CA PHE A 389 1.39 7.39 4.35
C PHE A 389 0.73 7.22 2.98
N ARG A 390 -0.25 6.32 2.93
CA ARG A 390 -1.22 6.22 1.84
C ARG A 390 -2.58 6.68 2.36
N PHE A 391 -3.13 7.73 1.73
CA PHE A 391 -4.38 8.36 2.16
C PHE A 391 -5.55 7.75 1.41
N ALA A 392 -6.40 7.02 2.16
CA ALA A 392 -7.67 6.51 1.66
C ALA A 392 -8.59 7.67 1.27
N LEU A 393 -9.19 7.57 0.09
CA LEU A 393 -10.07 8.60 -0.47
C LEU A 393 -9.52 9.99 -0.14
N MET A 394 -8.36 10.30 -0.70
CA MET A 394 -7.70 11.60 -0.54
C MET A 394 -8.56 12.71 -1.17
N GLY A 395 -9.40 12.32 -2.13
CA GLY A 395 -10.36 13.21 -2.80
C GLY A 395 -11.35 13.86 -1.85
N LEU A 396 -11.57 13.25 -0.66
CA LEU A 396 -12.48 13.79 0.35
C LEU A 396 -11.76 14.81 1.26
N MET A 397 -10.42 14.80 1.23
CA MET A 397 -9.60 15.67 2.06
C MET A 397 -9.22 16.92 1.24
N ASP A 398 -9.31 18.09 1.88
CA ASP A 398 -9.14 19.37 1.22
C ASP A 398 -7.65 19.60 0.93
N VAL A 399 -7.37 20.29 -0.18
CA VAL A 399 -6.01 20.49 -0.71
C VAL A 399 -5.14 21.23 0.31
N GLU A 400 -5.71 22.30 0.92
CA GLU A 400 -4.99 23.12 1.88
C GLU A 400 -4.45 22.25 3.02
N THR A 401 -5.32 21.43 3.60
CA THR A 401 -4.98 20.51 4.69
C THR A 401 -3.85 19.56 4.24
N MET A 402 -3.98 19.00 3.04
CA MET A 402 -3.02 18.03 2.51
C MET A 402 -1.64 18.69 2.34
N ASN A 403 -1.62 19.93 1.83
CA ASN A 403 -0.37 20.68 1.60
C ASN A 403 0.28 21.04 2.93
N MET A 404 -0.54 21.38 3.93
CA MET A 404 -0.06 21.72 5.27
C MET A 404 0.54 20.49 5.96
N ALA A 405 -0.05 19.32 5.70
CA ALA A 405 0.44 18.04 6.20
C ALA A 405 1.82 17.73 5.58
N ARG A 406 1.94 17.97 4.28
CA ARG A 406 3.19 17.78 3.54
C ARG A 406 4.30 18.67 4.12
N GLU A 407 3.94 19.91 4.47
CA GLU A 407 4.89 20.88 5.04
C GLU A 407 5.32 20.42 6.44
N ALA A 408 4.36 19.94 7.24
CA ALA A 408 4.61 19.48 8.60
C ALA A 408 5.60 18.30 8.58
N LEU A 409 5.34 17.32 7.70
CA LEU A 409 6.17 16.12 7.59
C LEU A 409 7.52 16.46 6.97
N ASP A 410 7.57 17.51 6.14
CA ASP A 410 8.82 18.02 5.56
C ASP A 410 9.77 18.49 6.67
N GLN A 411 9.22 19.07 7.76
CA GLN A 411 10.02 19.57 8.89
C GLN A 411 10.76 18.40 9.58
N ILE A 412 10.16 17.21 9.55
CA ILE A 412 10.80 16.01 10.08
C ILE A 412 11.82 15.52 9.04
N ASP A 413 11.34 15.20 7.84
CA ASP A 413 12.19 14.84 6.69
C ASP A 413 11.36 14.84 5.42
N PRO A 414 11.74 15.62 4.38
CA PRO A 414 10.98 15.66 3.13
C PRO A 414 10.95 14.34 2.32
N ARG A 415 11.78 13.36 2.70
CA ARG A 415 11.81 12.04 2.06
C ARG A 415 10.67 11.15 2.59
N ILE A 416 9.99 11.59 3.66
CA ILE A 416 8.77 10.94 4.13
C ILE A 416 7.74 11.00 3.00
N THR A 417 7.22 9.84 2.59
CA THR A 417 6.43 9.71 1.38
C THR A 417 4.93 9.93 1.70
N MET A 418 4.23 10.53 0.73
CA MET A 418 2.78 10.71 0.79
C MET A 418 2.20 10.39 -0.59
N TRP A 419 1.14 9.56 -0.61
CA TRP A 419 0.31 9.37 -1.79
C TRP A 419 -1.09 8.95 -1.36
N GLY A 420 -2.04 8.99 -2.29
CA GLY A 420 -3.43 8.66 -1.98
C GLY A 420 -4.29 8.49 -3.23
N GLU A 421 -5.51 7.98 -3.01
CA GLU A 421 -6.55 7.90 -4.02
C GLU A 421 -7.07 9.30 -4.31
N GLY A 422 -6.91 9.76 -5.55
CA GLY A 422 -7.38 11.07 -5.98
C GLY A 422 -8.85 11.06 -6.38
N TRP A 423 -9.68 10.43 -5.55
CA TRP A 423 -11.12 10.32 -5.78
C TRP A 423 -11.87 10.16 -4.45
N ALA A 424 -13.20 10.29 -4.52
CA ALA A 424 -14.11 10.08 -3.39
C ALA A 424 -14.89 8.79 -3.62
N GLY A 425 -15.82 8.49 -2.70
CA GLY A 425 -16.71 7.32 -2.79
C GLY A 425 -18.18 7.73 -2.85
N GLY A 426 -18.44 9.01 -3.17
CA GLY A 426 -19.79 9.56 -3.22
C GLY A 426 -19.79 11.07 -3.26
N ASP A 427 -20.98 11.66 -3.29
CA ASP A 427 -21.14 13.12 -3.31
C ASP A 427 -20.76 13.69 -1.95
N SER A 428 -20.04 14.82 -1.96
CA SER A 428 -19.50 15.46 -0.77
C SER A 428 -20.03 16.90 -0.66
N TYR A 429 -20.65 17.22 0.48
CA TYR A 429 -21.19 18.55 0.77
C TYR A 429 -20.28 19.24 1.79
N HIS A 430 -19.64 20.34 1.37
CA HIS A 430 -18.65 21.05 2.17
C HIS A 430 -18.95 22.54 2.15
N PRO A 431 -18.47 23.32 3.15
CA PRO A 431 -18.56 24.78 3.11
C PRO A 431 -17.67 25.36 2.01
N THR A 432 -17.95 26.61 1.62
CA THR A 432 -17.26 27.29 0.53
C THR A 432 -15.76 27.41 0.87
N ASN A 433 -15.45 27.76 2.12
CA ASN A 433 -14.09 28.06 2.56
C ASN A 433 -13.68 27.12 3.69
N THR A 434 -12.38 27.11 3.99
CA THR A 434 -11.79 26.35 5.09
C THR A 434 -11.77 27.23 6.36
N CYS A 435 -11.16 26.69 7.43
CA CYS A 435 -11.00 27.38 8.71
C CYS A 435 -10.00 28.55 8.61
N SER A 436 -9.22 28.60 7.51
CA SER A 436 -8.23 29.64 7.26
C SER A 436 -8.81 30.77 6.40
N GLY A 437 -9.99 30.52 5.79
CA GLY A 437 -10.71 31.50 4.99
C GLY A 437 -10.39 31.42 3.50
N THR A 438 -9.67 30.36 3.10
CA THR A 438 -9.35 30.09 1.70
C THR A 438 -10.40 29.12 1.13
N LYS A 439 -10.59 29.17 -0.19
CA LYS A 439 -11.61 28.39 -0.89
C LYS A 439 -11.28 26.89 -0.79
N PHE A 440 -12.29 26.11 -0.43
CA PHE A 440 -12.18 24.65 -0.33
C PHE A 440 -11.97 24.05 -1.72
N TYR A 441 -10.92 23.24 -1.85
CA TYR A 441 -10.68 22.40 -3.03
C TYR A 441 -10.46 20.96 -2.56
N PRO A 442 -11.17 19.96 -3.14
CA PRO A 442 -10.92 18.56 -2.81
C PRO A 442 -9.63 18.08 -3.50
N ALA A 443 -8.87 17.22 -2.80
CA ALA A 443 -7.59 16.73 -3.30
C ALA A 443 -7.81 15.58 -4.29
N THR A 444 -8.46 15.90 -5.41
CA THR A 444 -8.80 14.95 -6.47
C THR A 444 -7.74 15.02 -7.57
N GLN A 445 -7.83 14.08 -8.52
CA GLN A 445 -6.99 14.05 -9.73
C GLN A 445 -7.13 15.38 -10.49
N ALA A 446 -8.36 15.90 -10.55
CA ALA A 446 -8.69 17.13 -11.28
C ALA A 446 -7.94 18.33 -10.70
N ASN A 447 -7.61 18.28 -9.40
CA ASN A 447 -6.91 19.35 -8.68
C ASN A 447 -5.48 18.92 -8.33
N ALA A 448 -4.84 18.13 -9.20
CA ALA A 448 -3.44 17.69 -9.03
C ALA A 448 -2.50 18.90 -9.01
N SER A 449 -2.85 19.92 -9.80
CA SER A 449 -2.04 21.14 -9.98
C SER A 449 -1.96 21.97 -8.70
N ARG A 450 -2.98 21.88 -7.85
CA ARG A 450 -3.08 22.66 -6.60
C ARG A 450 -2.39 21.92 -5.45
N LEU A 451 -2.03 20.66 -5.69
CA LEU A 451 -1.50 19.75 -4.70
C LEU A 451 0.02 19.65 -4.86
N SER A 452 0.74 19.53 -3.74
CA SER A 452 2.20 19.33 -3.72
C SER A 452 2.57 18.19 -4.67
N ASP A 453 3.69 18.35 -5.38
CA ASP A 453 4.14 17.35 -6.35
C ASP A 453 4.76 16.14 -5.63
N ARG A 454 4.88 16.22 -4.30
CA ARG A 454 5.33 15.10 -3.47
C ARG A 454 4.17 14.57 -2.61
N ILE A 455 2.93 14.83 -3.06
CA ILE A 455 1.74 14.07 -2.66
C ILE A 455 1.23 13.35 -3.92
N ALA A 456 1.63 12.09 -4.10
CA ALA A 456 1.36 11.37 -5.34
C ALA A 456 -0.08 10.85 -5.35
N ILE A 457 -0.55 10.51 -6.56
CA ILE A 457 -1.93 10.12 -6.83
C ILE A 457 -1.89 8.80 -7.62
N PHE A 458 -2.78 7.87 -7.26
CA PHE A 458 -2.88 6.58 -7.93
C PHE A 458 -3.33 6.81 -9.38
N ASN A 459 -2.50 6.32 -10.32
CA ASN A 459 -2.74 6.46 -11.74
C ASN A 459 -3.62 5.30 -12.21
N ASP A 460 -4.93 5.50 -12.11
CA ASP A 460 -5.92 4.52 -12.57
C ASP A 460 -5.90 4.45 -14.11
N GLY A 461 -5.30 5.46 -14.75
CA GLY A 461 -5.08 5.50 -16.19
C GLY A 461 -4.26 4.32 -16.69
N ILE A 462 -3.07 4.12 -16.12
CA ILE A 462 -2.17 3.03 -16.53
C ILE A 462 -2.72 1.69 -16.02
N ARG A 463 -3.38 1.71 -14.86
CA ARG A 463 -3.99 0.52 -14.27
C ARG A 463 -4.99 -0.09 -15.27
N ASP A 464 -5.96 0.73 -15.70
CA ASP A 464 -7.00 0.31 -16.63
C ASP A 464 -6.37 0.02 -18.01
N GLY A 465 -5.33 0.78 -18.36
CA GLY A 465 -4.59 0.61 -19.60
C GLY A 465 -3.95 -0.76 -19.72
N ILE A 466 -3.36 -1.24 -18.61
CA ILE A 466 -2.57 -2.47 -18.59
C ILE A 466 -3.51 -3.70 -18.67
N LYS A 467 -4.45 -3.79 -17.72
CA LYS A 467 -5.19 -5.05 -17.48
C LYS A 467 -6.70 -4.90 -17.72
N GLY A 468 -7.18 -3.68 -17.99
CA GLY A 468 -8.60 -3.42 -18.25
C GLY A 468 -9.29 -2.79 -17.05
N SER A 469 -10.56 -2.39 -17.25
CA SER A 469 -11.37 -1.72 -16.23
C SER A 469 -11.36 -2.51 -14.92
N ALA A 470 -11.07 -1.80 -13.81
CA ALA A 470 -11.09 -2.38 -12.46
C ALA A 470 -12.53 -2.67 -12.02
N MET A 471 -13.49 -1.96 -12.63
CA MET A 471 -14.92 -2.10 -12.33
C MET A 471 -15.50 -3.39 -12.92
N ASP A 472 -14.76 -4.04 -13.83
CA ASP A 472 -15.25 -5.21 -14.57
C ASP A 472 -14.09 -6.21 -14.76
N ILE A 473 -14.14 -7.33 -14.02
CA ILE A 473 -13.07 -8.33 -14.00
C ILE A 473 -12.89 -8.98 -15.38
N SER A 474 -13.96 -9.00 -16.18
CA SER A 474 -13.96 -9.66 -17.49
C SER A 474 -13.44 -8.73 -18.60
N ASP A 475 -13.21 -7.44 -18.28
CA ASP A 475 -12.80 -6.44 -19.27
C ASP A 475 -11.30 -6.59 -19.56
N VAL A 476 -10.93 -6.45 -20.84
CA VAL A 476 -9.54 -6.61 -21.31
C VAL A 476 -8.87 -5.22 -21.35
N GLY A 477 -7.57 -5.21 -21.00
CA GLY A 477 -6.65 -4.12 -21.26
C GLY A 477 -5.62 -4.52 -22.30
N PHE A 478 -4.45 -3.87 -22.25
CA PHE A 478 -3.45 -3.98 -23.30
C PHE A 478 -2.84 -5.39 -23.33
N ILE A 479 -2.53 -5.94 -22.16
CA ILE A 479 -1.79 -7.23 -22.07
C ILE A 479 -2.63 -8.35 -22.69
N GLN A 480 -3.96 -8.26 -22.59
CA GLN A 480 -4.87 -9.28 -23.12
C GLN A 480 -5.11 -9.09 -24.63
N GLY A 481 -4.74 -7.92 -25.16
CA GLY A 481 -4.71 -7.69 -26.61
C GLY A 481 -5.50 -6.48 -27.09
N SER A 482 -5.94 -5.60 -26.18
CA SER A 482 -6.69 -4.40 -26.55
C SER A 482 -5.74 -3.36 -27.17
N LYS A 483 -6.03 -2.98 -28.43
CA LYS A 483 -5.27 -1.96 -29.14
C LYS A 483 -5.66 -0.56 -28.64
N SER A 484 -6.93 -0.39 -28.27
CA SER A 484 -7.46 0.88 -27.76
C SER A 484 -6.88 1.21 -26.38
N SER A 485 -6.41 0.18 -25.66
CA SER A 485 -5.83 0.33 -24.32
C SER A 485 -4.38 0.80 -24.38
N ALA A 486 -3.77 0.79 -25.58
CA ALA A 486 -2.35 1.12 -25.78
C ALA A 486 -2.05 2.54 -25.30
N LYS A 487 -2.98 3.48 -25.55
CA LYS A 487 -2.77 4.89 -25.19
C LYS A 487 -2.70 5.05 -23.66
N GLY A 488 -3.48 4.23 -22.93
CA GLY A 488 -3.45 4.19 -21.48
C GLY A 488 -2.06 3.83 -20.94
N VAL A 489 -1.45 2.83 -21.57
CA VAL A 489 -0.11 2.37 -21.21
C VAL A 489 0.91 3.47 -21.57
N SER A 490 0.77 4.01 -22.79
CA SER A 490 1.76 4.92 -23.37
C SER A 490 1.84 6.25 -22.59
N TYR A 491 0.68 6.76 -22.16
CA TYR A 491 0.63 7.96 -21.31
C TYR A 491 1.16 7.62 -19.91
N GLY A 492 0.89 6.39 -19.46
CA GLY A 492 1.36 5.87 -18.17
C GLY A 492 2.88 5.77 -18.09
N VAL A 493 3.53 5.53 -19.25
CA VAL A 493 4.98 5.34 -19.33
C VAL A 493 5.71 6.58 -18.76
N ARG A 494 5.14 7.77 -18.94
CA ARG A 494 5.70 9.01 -18.38
C ARG A 494 4.78 9.55 -17.26
N ALA A 495 4.19 8.62 -16.49
CA ALA A 495 3.49 8.91 -15.24
C ALA A 495 2.34 9.91 -15.43
N ASN A 496 1.70 9.86 -16.61
CA ASN A 496 0.60 10.79 -16.97
C ASN A 496 1.01 12.23 -16.70
N SER A 497 2.31 12.53 -16.83
CA SER A 497 2.85 13.87 -16.57
C SER A 497 3.25 14.56 -17.88
N SER A 498 3.21 13.81 -18.99
CA SER A 498 3.47 14.33 -20.33
C SER A 498 2.18 14.28 -21.15
N GLY A 499 1.63 15.45 -21.46
CA GLY A 499 0.33 15.59 -22.12
C GLY A 499 -0.80 15.28 -21.15
N THR A 500 -2.02 15.11 -21.70
CA THR A 500 -3.22 14.85 -20.91
C THR A 500 -4.04 13.72 -21.56
N TYR A 501 -4.21 12.63 -20.81
CA TYR A 501 -5.18 11.57 -21.09
C TYR A 501 -5.83 11.18 -19.76
N LYS A 502 -7.09 11.57 -19.58
CA LYS A 502 -7.91 11.32 -18.37
C LYS A 502 -7.55 12.36 -17.29
N TRP A 503 -6.30 12.33 -16.80
CA TRP A 503 -5.80 13.30 -15.82
C TRP A 503 -4.31 13.55 -16.07
N LYS A 504 -3.78 14.61 -15.45
CA LYS A 504 -2.38 14.98 -15.60
C LYS A 504 -1.73 15.18 -14.23
N ALA A 505 -0.64 14.43 -13.99
CA ALA A 505 0.25 14.62 -12.85
C ALA A 505 1.16 15.82 -13.14
N GLN A 506 1.55 16.56 -12.09
CA GLN A 506 2.48 17.68 -12.19
C GLN A 506 3.84 17.16 -12.65
N ALA A 507 4.23 15.99 -12.14
CA ALA A 507 5.51 15.36 -12.43
C ALA A 507 5.43 13.88 -12.05
N PRO A 508 6.42 13.04 -12.43
CA PRO A 508 6.45 11.64 -12.00
C PRO A 508 6.39 11.44 -10.48
N SER A 509 6.91 12.41 -9.72
CA SER A 509 6.87 12.40 -8.25
C SER A 509 5.43 12.33 -7.73
N GLN A 510 4.46 12.78 -8.54
CA GLN A 510 3.06 12.90 -8.11
C GLN A 510 2.21 11.76 -8.69
N CYS A 511 2.83 10.64 -9.06
CA CYS A 511 2.15 9.54 -9.74
C CYS A 511 2.55 8.19 -9.13
N VAL A 512 1.55 7.39 -8.76
CA VAL A 512 1.74 6.00 -8.37
C VAL A 512 1.36 5.10 -9.54
N THR A 513 2.35 4.33 -10.01
CA THR A 513 2.26 3.47 -11.18
C THR A 513 1.94 2.04 -10.72
N TYR A 514 0.77 1.53 -11.13
CA TYR A 514 0.27 0.23 -10.66
C TYR A 514 -0.74 -0.33 -11.66
N ASP A 515 -0.89 -1.67 -11.63
CA ASP A 515 -1.87 -2.38 -12.46
C ASP A 515 -2.94 -3.05 -11.58
N ALA A 516 -2.67 -3.20 -10.27
CA ALA A 516 -3.63 -3.78 -9.33
C ALA A 516 -3.24 -3.42 -7.89
N CYS A 517 -4.25 -3.45 -7.00
CA CYS A 517 -4.06 -3.26 -5.56
C CYS A 517 -5.04 -4.20 -4.82
N HIS A 518 -5.23 -3.96 -3.52
CA HIS A 518 -6.08 -4.81 -2.67
C HIS A 518 -7.54 -4.77 -3.15
N ASP A 519 -7.97 -3.61 -3.67
CA ASP A 519 -9.32 -3.42 -4.19
C ASP A 519 -9.49 -4.18 -5.50
N ASN A 520 -10.73 -4.54 -5.82
CA ASN A 520 -11.12 -5.15 -7.09
C ASN A 520 -10.36 -6.48 -7.24
N ALA A 521 -10.14 -6.91 -8.50
CA ALA A 521 -9.51 -8.20 -8.79
C ALA A 521 -7.98 -8.07 -8.75
N THR A 522 -7.32 -9.18 -8.40
CA THR A 522 -5.86 -9.30 -8.53
C THR A 522 -5.53 -9.32 -10.03
N LEU A 523 -4.27 -9.00 -10.37
CA LEU A 523 -3.84 -8.97 -11.77
C LEU A 523 -4.16 -10.31 -12.43
N TYR A 524 -3.74 -11.40 -11.79
CA TYR A 524 -3.84 -12.74 -12.37
C TYR A 524 -5.30 -13.18 -12.47
N ASP A 525 -6.15 -12.74 -11.54
CA ASP A 525 -7.57 -13.06 -11.55
C ASP A 525 -8.27 -12.36 -12.72
N GLN A 526 -7.86 -11.12 -13.01
CA GLN A 526 -8.45 -10.35 -14.12
C GLN A 526 -7.98 -10.95 -15.46
N ILE A 527 -6.70 -11.38 -15.53
CA ILE A 527 -6.16 -12.05 -16.71
C ILE A 527 -7.02 -13.28 -17.01
N ILE A 528 -7.30 -14.08 -15.97
CA ILE A 528 -8.02 -15.34 -16.11
C ILE A 528 -9.48 -15.07 -16.52
N ALA A 529 -10.15 -14.15 -15.82
CA ALA A 529 -11.57 -13.86 -16.05
C ALA A 529 -11.79 -13.26 -17.45
N SER A 530 -10.88 -12.38 -17.88
CA SER A 530 -11.03 -11.60 -19.11
C SER A 530 -10.71 -12.44 -20.35
N THR A 531 -9.96 -13.54 -20.18
CA THR A 531 -9.52 -14.38 -21.30
C THR A 531 -10.26 -15.72 -21.31
N GLY A 532 -10.61 -16.24 -20.12
CA GLY A 532 -11.18 -17.58 -19.98
C GLY A 532 -10.17 -18.67 -20.30
N LEU A 533 -8.89 -18.35 -20.08
CA LEU A 533 -7.77 -19.24 -20.42
C LEU A 533 -7.76 -20.46 -19.49
N ALA A 534 -8.20 -20.26 -18.25
CA ALA A 534 -8.19 -21.30 -17.21
C ALA A 534 -9.15 -20.93 -16.08
N ASP A 535 -9.16 -21.74 -15.02
CA ASP A 535 -9.86 -21.44 -13.77
C ASP A 535 -9.01 -20.45 -12.97
N TYR A 536 -9.64 -19.79 -11.99
CA TYR A 536 -8.95 -18.89 -11.07
C TYR A 536 -7.89 -19.68 -10.29
N GLY A 537 -6.68 -19.12 -10.20
CA GLY A 537 -5.59 -19.68 -9.39
C GLY A 537 -4.92 -20.88 -10.04
N GLU A 538 -5.24 -21.13 -11.33
CA GLU A 538 -4.66 -22.22 -12.11
C GLU A 538 -3.60 -21.64 -13.05
N ARG A 539 -2.43 -22.29 -13.12
CA ARG A 539 -1.36 -21.82 -13.98
C ARG A 539 -1.71 -22.08 -15.45
N ASN A 540 -1.44 -21.08 -16.29
CA ASN A 540 -1.64 -21.14 -17.73
C ASN A 540 -0.53 -20.33 -18.41
N SER A 541 0.13 -20.93 -19.40
CA SER A 541 1.34 -20.37 -20.02
C SER A 541 1.07 -18.98 -20.61
N GLU A 542 -0.05 -18.84 -21.32
CA GLU A 542 -0.40 -17.58 -22.01
C GLU A 542 -0.77 -16.51 -20.98
N ALA A 543 -1.47 -16.90 -19.91
CA ALA A 543 -1.84 -15.99 -18.82
C ALA A 543 -0.58 -15.47 -18.12
N VAL A 544 0.43 -16.34 -17.97
CA VAL A 544 1.68 -16.02 -17.29
C VAL A 544 2.50 -15.07 -18.18
N LYS A 545 2.46 -15.26 -19.50
CA LYS A 545 3.10 -14.35 -20.46
C LYS A 545 2.56 -12.93 -20.26
N MET A 546 1.22 -12.81 -20.16
CA MET A 546 0.55 -11.53 -19.96
C MET A 546 0.99 -10.91 -18.62
N ASN A 547 1.17 -11.76 -17.61
CA ASN A 547 1.62 -11.35 -16.28
C ASN A 547 3.04 -10.78 -16.37
N ARG A 548 3.91 -11.46 -17.13
CA ARG A 548 5.30 -11.04 -17.35
C ARG A 548 5.34 -9.67 -18.06
N LEU A 549 4.40 -9.45 -18.99
CA LEU A 549 4.35 -8.22 -19.79
C LEU A 549 3.93 -7.04 -18.89
N ALA A 550 2.95 -7.28 -18.01
CA ALA A 550 2.51 -6.27 -17.02
C ALA A 550 3.69 -5.84 -16.16
N SER A 551 4.51 -6.81 -15.75
CA SER A 551 5.74 -6.60 -14.98
C SER A 551 6.68 -5.64 -15.73
N ALA A 552 6.90 -5.93 -17.01
CA ALA A 552 7.79 -5.15 -17.87
C ALA A 552 7.33 -3.68 -17.94
N ILE A 553 6.01 -3.48 -18.09
CA ILE A 553 5.41 -2.16 -18.24
C ILE A 553 5.62 -1.34 -16.95
N ILE A 554 5.31 -1.96 -15.80
CA ILE A 554 5.35 -1.28 -14.50
C ILE A 554 6.77 -0.73 -14.22
N TYR A 555 7.79 -1.50 -14.59
CA TYR A 555 9.18 -1.19 -14.21
C TYR A 555 9.97 -0.56 -15.37
N THR A 556 9.29 -0.30 -16.49
CA THR A 556 9.84 0.57 -17.55
C THR A 556 8.96 1.84 -17.67
N SER A 557 8.12 2.08 -16.66
CA SER A 557 7.30 3.28 -16.55
C SER A 557 7.84 4.18 -15.43
N GLN A 558 7.68 5.50 -15.62
CA GLN A 558 8.02 6.49 -14.60
C GLN A 558 6.95 6.48 -13.50
N GLY A 559 7.22 7.21 -12.42
CA GLY A 559 6.34 7.25 -11.25
C GLY A 559 6.75 6.24 -10.21
N ILE A 560 5.93 6.14 -9.16
CA ILE A 560 6.21 5.29 -8.00
C ILE A 560 5.63 3.90 -8.26
N SER A 561 6.50 2.95 -8.63
CA SER A 561 6.09 1.58 -8.97
C SER A 561 5.48 0.89 -7.74
N PHE A 562 4.31 0.28 -7.94
CA PHE A 562 3.47 -0.23 -6.87
C PHE A 562 2.80 -1.54 -7.32
N THR A 563 2.78 -2.53 -6.41
CA THR A 563 2.14 -3.82 -6.65
C THR A 563 1.41 -4.28 -5.38
N LEU A 564 0.35 -5.08 -5.59
CA LEU A 564 -0.25 -5.88 -4.54
C LEU A 564 0.78 -6.95 -4.14
N ALA A 565 0.90 -7.18 -2.83
CA ALA A 565 1.76 -8.24 -2.31
C ALA A 565 1.34 -9.56 -2.95
N GLY A 566 2.26 -10.18 -3.69
CA GLY A 566 2.03 -11.48 -4.33
C GLY A 566 1.74 -11.38 -5.81
N GLU A 567 1.66 -10.16 -6.36
CA GLU A 567 1.49 -9.96 -7.80
C GLU A 567 2.59 -10.74 -8.55
N GLU A 568 3.81 -10.72 -7.97
CA GLU A 568 5.00 -11.34 -8.55
C GLU A 568 4.92 -12.88 -8.53
N MET A 569 3.99 -13.45 -7.74
CA MET A 569 3.81 -14.91 -7.67
C MET A 569 2.38 -15.31 -8.07
N ALA A 570 1.76 -14.50 -8.94
CA ALA A 570 0.46 -14.79 -9.57
C ALA A 570 -0.63 -14.98 -8.51
N ARG A 571 -0.70 -14.05 -7.54
CA ARG A 571 -1.65 -14.12 -6.43
C ARG A 571 -3.09 -14.13 -6.98
N SER A 572 -3.92 -15.00 -6.39
CA SER A 572 -5.34 -15.14 -6.71
C SER A 572 -6.18 -14.98 -5.42
N LYS A 573 -7.40 -14.45 -5.59
CA LYS A 573 -8.41 -14.39 -4.54
C LYS A 573 -9.65 -15.18 -4.97
N ASP A 574 -9.46 -16.13 -5.89
CA ASP A 574 -10.52 -17.02 -6.39
C ASP A 574 -11.64 -16.20 -7.04
N GLY A 575 -11.27 -15.07 -7.66
CA GLY A 575 -12.19 -14.22 -8.42
C GLY A 575 -12.94 -13.21 -7.57
N ASP A 576 -12.56 -13.07 -6.29
CA ASP A 576 -13.19 -12.13 -5.37
C ASP A 576 -12.75 -10.71 -5.74
N THR A 577 -13.73 -9.85 -6.04
CA THR A 577 -13.48 -8.48 -6.51
C THR A 577 -13.73 -7.45 -5.39
N ASN A 578 -14.02 -7.92 -4.17
CA ASN A 578 -14.13 -7.05 -3.00
C ASN A 578 -14.03 -7.92 -1.75
N SER A 579 -12.79 -8.33 -1.42
CA SER A 579 -12.52 -9.41 -0.47
C SER A 579 -12.34 -8.86 0.96
N TYR A 580 -13.00 -7.74 1.27
CA TYR A 580 -12.72 -6.95 2.46
C TYR A 580 -13.12 -7.70 3.74
N LYS A 581 -14.16 -8.54 3.67
CA LYS A 581 -14.56 -9.36 4.82
C LYS A 581 -14.77 -10.82 4.39
N SER A 582 -14.07 -11.24 3.35
CA SER A 582 -14.11 -12.62 2.86
C SER A 582 -13.24 -13.50 3.76
N ALA A 583 -13.32 -14.82 3.56
CA ALA A 583 -12.60 -15.80 4.37
C ALA A 583 -11.11 -15.46 4.41
N ALA A 584 -10.49 -15.71 5.58
CA ALA A 584 -9.09 -15.40 5.81
C ALA A 584 -8.19 -16.26 4.92
N ASN A 585 -8.62 -17.52 4.66
CA ASN A 585 -7.81 -18.47 3.89
C ASN A 585 -7.94 -18.17 2.38
N LEU A 586 -9.01 -17.49 1.97
CA LEU A 586 -9.14 -16.99 0.60
C LEU A 586 -8.16 -15.82 0.39
N ASN A 587 -8.13 -14.91 1.37
CA ASN A 587 -7.39 -13.65 1.29
C ASN A 587 -5.88 -13.89 1.45
N MET A 588 -5.50 -14.88 2.26
CA MET A 588 -4.11 -15.05 2.71
C MET A 588 -3.20 -15.35 1.51
N ILE A 589 -1.93 -14.93 1.64
CA ILE A 589 -0.89 -15.22 0.66
C ILE A 589 -0.61 -16.74 0.71
N LYS A 590 -0.78 -17.38 -0.45
CA LYS A 590 -0.49 -18.79 -0.65
C LYS A 590 1.01 -18.93 -0.96
N TRP A 591 1.81 -19.28 0.06
CA TRP A 591 3.27 -19.24 -0.03
C TRP A 591 3.83 -20.36 -0.91
N GLN A 592 2.98 -21.35 -1.25
CA GLN A 592 3.31 -22.37 -2.24
C GLN A 592 3.58 -21.73 -3.61
N ASN A 593 3.02 -20.53 -3.83
CA ASN A 593 3.14 -19.81 -5.11
C ASN A 593 4.58 -19.36 -5.38
N VAL A 594 5.43 -19.26 -4.34
CA VAL A 594 6.84 -18.88 -4.55
C VAL A 594 7.58 -20.01 -5.28
N VAL A 595 7.07 -21.24 -5.17
CA VAL A 595 7.58 -22.39 -5.93
C VAL A 595 6.84 -22.48 -7.27
N ASP A 596 5.50 -22.50 -7.22
CA ASP A 596 4.64 -22.74 -8.38
C ASP A 596 4.87 -21.67 -9.46
N TYR A 597 5.21 -20.44 -9.03
CA TYR A 597 5.45 -19.32 -9.94
C TYR A 597 6.83 -18.69 -9.64
N ALA A 598 7.83 -19.53 -9.36
CA ALA A 598 9.18 -19.09 -9.03
C ALA A 598 9.79 -18.29 -10.20
N ASP A 599 9.44 -18.69 -11.43
CA ASP A 599 9.92 -18.05 -12.65
C ASP A 599 9.34 -16.63 -12.76
N VAL A 600 8.08 -16.45 -12.35
CA VAL A 600 7.40 -15.16 -12.44
C VAL A 600 8.01 -14.22 -11.40
N VAL A 601 8.26 -14.74 -10.19
CA VAL A 601 8.94 -13.99 -9.13
C VAL A 601 10.30 -13.50 -9.66
N SER A 602 11.03 -14.41 -10.30
CA SER A 602 12.36 -14.15 -10.87
C SER A 602 12.29 -13.01 -11.90
N TYR A 603 11.20 -12.98 -12.69
CA TYR A 603 11.03 -11.98 -13.73
C TYR A 603 10.85 -10.58 -13.11
N TYR A 604 9.96 -10.49 -12.11
CA TYR A 604 9.70 -9.25 -11.38
C TYR A 604 10.99 -8.78 -10.69
N LYS A 605 11.69 -9.72 -10.05
CA LYS A 605 12.94 -9.46 -9.32
C LYS A 605 13.94 -8.76 -10.25
N GLY A 606 14.00 -9.23 -11.49
CA GLY A 606 14.91 -8.70 -12.52
C GLY A 606 14.47 -7.35 -13.07
N MET A 607 13.16 -7.18 -13.29
CA MET A 607 12.60 -5.93 -13.81
C MET A 607 12.83 -4.79 -12.82
N MET A 608 12.74 -5.11 -11.52
CA MET A 608 12.98 -4.17 -10.43
C MET A 608 14.41 -3.62 -10.52
N GLN A 609 15.37 -4.52 -10.82
CA GLN A 609 16.79 -4.18 -10.94
C GLN A 609 17.01 -3.18 -12.09
N ILE A 610 16.28 -3.36 -13.20
CA ILE A 610 16.42 -2.53 -14.39
C ILE A 610 16.04 -1.07 -14.05
N LYS A 611 14.86 -0.89 -13.44
CA LYS A 611 14.37 0.45 -13.10
C LYS A 611 15.35 1.15 -12.16
N SER A 612 15.92 0.39 -11.21
CA SER A 612 16.84 0.91 -10.19
C SER A 612 18.16 1.36 -10.81
N ALA A 613 18.54 0.77 -11.95
CA ALA A 613 19.84 0.99 -12.58
C ALA A 613 19.82 2.18 -13.55
N PHE A 614 18.63 2.58 -14.01
CA PHE A 614 18.47 3.54 -15.10
C PHE A 614 17.69 4.77 -14.60
N SER A 615 18.41 5.90 -14.47
CA SER A 615 17.95 7.09 -13.73
C SER A 615 16.68 7.70 -14.32
N PRO A 616 16.54 7.82 -15.66
CA PRO A 616 15.33 8.41 -16.25
C PRO A 616 14.01 7.83 -15.71
N LEU A 617 14.00 6.52 -15.42
CA LEU A 617 12.80 5.82 -14.96
C LEU A 617 12.44 6.23 -13.52
N THR A 618 13.43 6.62 -12.73
CA THR A 618 13.24 6.96 -11.31
C THR A 618 13.36 8.47 -11.08
N ALA A 619 13.18 9.27 -12.14
CA ALA A 619 13.21 10.74 -12.05
C ALA A 619 11.99 11.24 -11.28
N MET A 620 12.17 12.31 -10.51
CA MET A 620 11.09 12.96 -9.75
C MET A 620 10.42 14.03 -10.61
N ASP A 621 11.22 14.69 -11.47
CA ASP A 621 10.79 15.88 -12.22
C ASP A 621 10.59 15.50 -13.70
N ASN A 622 10.36 16.51 -14.54
CA ASN A 622 9.98 16.34 -15.95
C ASN A 622 11.19 16.53 -16.88
N SER A 623 12.40 16.36 -16.35
CA SER A 623 13.63 16.70 -17.07
C SER A 623 13.93 15.70 -18.19
N TYR A 624 13.29 14.52 -18.16
CA TYR A 624 13.51 13.48 -19.17
C TYR A 624 12.32 13.35 -20.13
N ALA A 625 11.29 14.20 -19.96
CA ALA A 625 10.07 14.13 -20.75
C ALA A 625 10.37 14.24 -22.25
N ASP A 626 11.26 15.16 -22.62
CA ASP A 626 11.61 15.43 -24.02
C ASP A 626 12.75 14.53 -24.51
N LYS A 627 13.10 13.50 -23.72
CA LYS A 627 14.16 12.55 -24.05
C LYS A 627 13.56 11.21 -24.49
N TYR A 628 12.23 11.12 -24.55
CA TYR A 628 11.52 9.94 -25.06
C TYR A 628 11.24 10.13 -26.56
N THR A 629 11.50 9.08 -27.34
CA THR A 629 11.10 9.00 -28.75
C THR A 629 10.22 7.78 -28.96
N PHE A 630 8.90 8.00 -28.99
CA PHE A 630 7.92 6.97 -29.30
C PHE A 630 7.89 6.73 -30.82
N THR A 631 7.88 5.45 -31.20
CA THR A 631 7.85 5.02 -32.61
C THR A 631 6.52 5.47 -33.24
N LYS A 632 5.41 5.19 -32.56
CA LYS A 632 4.08 5.62 -32.96
C LYS A 632 3.64 6.78 -32.06
N LYS A 633 2.56 7.46 -32.46
CA LYS A 633 1.93 8.48 -31.63
C LYS A 633 1.56 7.84 -30.29
N VAL A 634 1.69 8.61 -29.21
CA VAL A 634 1.43 8.13 -27.84
C VAL A 634 -0.03 7.64 -27.76
N SER A 635 -0.92 8.30 -28.52
CA SER A 635 -2.36 8.02 -28.50
C SER A 635 -2.75 6.94 -29.52
N ALA A 636 -1.75 6.27 -30.13
CA ALA A 636 -1.99 5.34 -31.23
C ALA A 636 -2.71 4.08 -30.72
N SER A 637 -3.60 3.56 -31.57
CA SER A 637 -4.17 2.22 -31.43
C SER A 637 -3.21 1.22 -32.08
N THR A 638 -2.52 0.43 -31.25
CA THR A 638 -1.42 -0.43 -31.72
C THR A 638 -1.32 -1.70 -30.89
N ASN A 639 -0.75 -2.75 -31.50
CA ASN A 639 -0.39 -3.99 -30.83
C ASN A 639 1.05 -3.91 -30.31
N GLN A 640 1.84 -2.96 -30.83
CA GLN A 640 3.23 -2.78 -30.43
C GLN A 640 3.48 -1.32 -30.04
N ILE A 641 3.75 -1.11 -28.75
CA ILE A 641 4.27 0.14 -28.22
C ILE A 641 5.80 0.02 -28.17
N SER A 642 6.51 1.04 -28.68
CA SER A 642 7.96 1.12 -28.56
C SER A 642 8.39 2.58 -28.39
N PHE A 643 9.49 2.76 -27.64
CA PHE A 643 10.08 4.07 -27.41
C PHE A 643 11.53 3.90 -26.94
N THR A 644 12.33 4.95 -27.13
CA THR A 644 13.69 5.03 -26.61
C THR A 644 13.76 6.17 -25.60
N ILE A 645 14.69 6.06 -24.64
CA ILE A 645 14.92 7.05 -23.60
C ILE A 645 16.41 7.44 -23.62
N GLN A 646 16.69 8.73 -23.82
CA GLN A 646 18.04 9.27 -23.79
C GLN A 646 18.39 9.66 -22.35
N ASN A 647 19.50 9.11 -21.85
CA ASN A 647 19.99 9.32 -20.47
C ASN A 647 21.12 10.35 -20.50
N ASP A 648 21.38 10.98 -19.33
CA ASP A 648 22.42 12.00 -19.20
C ASP A 648 23.29 11.75 -17.94
N VAL A 649 23.08 10.62 -17.26
CA VAL A 649 23.83 10.29 -16.04
C VAL A 649 25.09 9.52 -16.45
N GLU A 650 26.26 10.12 -16.19
CA GLU A 650 27.55 9.51 -16.47
C GLU A 650 27.71 8.25 -15.60
N GLY A 651 28.11 7.15 -16.23
CA GLY A 651 28.31 5.86 -15.56
C GLY A 651 27.08 4.97 -15.61
N GLU A 652 26.02 5.44 -16.30
CA GLU A 652 24.83 4.65 -16.57
C GLU A 652 24.76 4.35 -18.07
N TRP A 653 23.77 3.56 -18.48
CA TRP A 653 23.48 3.32 -19.89
C TRP A 653 23.06 4.64 -20.54
N ASN A 654 23.50 4.84 -21.79
CA ASN A 654 23.28 6.09 -22.52
C ASN A 654 21.85 6.15 -23.05
N LYS A 655 21.33 5.01 -23.52
CA LYS A 655 20.00 4.94 -24.12
C LYS A 655 19.39 3.57 -23.87
N MET A 656 18.08 3.56 -23.58
CA MET A 656 17.28 2.36 -23.41
C MET A 656 16.18 2.33 -24.49
N ALA A 657 15.95 1.15 -25.05
CA ALA A 657 14.82 0.88 -25.94
C ALA A 657 13.85 -0.07 -25.22
N VAL A 658 12.55 0.25 -25.30
CA VAL A 658 11.47 -0.52 -24.67
C VAL A 658 10.42 -0.83 -25.74
N ILE A 659 10.02 -2.10 -25.83
CA ILE A 659 8.97 -2.56 -26.74
C ILE A 659 8.00 -3.46 -25.97
N TYR A 660 6.69 -3.18 -26.08
CA TYR A 660 5.63 -4.06 -25.60
C TYR A 660 4.86 -4.62 -26.82
N ASN A 661 4.76 -5.94 -26.92
CA ASN A 661 4.01 -6.61 -27.99
C ASN A 661 2.89 -7.45 -27.37
N ASN A 662 1.64 -7.08 -27.63
CA ASN A 662 0.46 -7.78 -27.09
C ASN A 662 -0.17 -8.69 -28.15
N ALA A 663 0.46 -8.79 -29.32
CA ALA A 663 -0.04 -9.63 -30.41
C ALA A 663 0.18 -11.12 -30.05
N THR A 664 -0.62 -11.99 -30.68
CA THR A 664 -0.57 -13.42 -30.47
C THR A 664 0.54 -14.06 -31.31
N THR A 665 1.16 -13.26 -32.18
CA THR A 665 2.30 -13.68 -32.99
C THR A 665 3.51 -12.78 -32.69
N ALA A 666 4.69 -13.25 -33.07
CA ALA A 666 5.91 -12.46 -33.00
C ALA A 666 5.80 -11.27 -33.98
N ALA A 667 6.40 -10.14 -33.60
CA ALA A 667 6.38 -8.93 -34.40
C ALA A 667 7.80 -8.36 -34.54
N ASP A 668 8.15 -7.97 -35.77
CA ASP A 668 9.36 -7.20 -36.03
C ASP A 668 9.03 -5.72 -35.87
N VAL A 669 9.62 -5.09 -34.86
CA VAL A 669 9.38 -3.69 -34.52
C VAL A 669 10.65 -2.89 -34.84
N THR A 670 10.50 -1.86 -35.69
CA THR A 670 11.57 -0.96 -36.07
C THR A 670 11.37 0.38 -35.36
N LEU A 671 12.38 0.80 -34.59
CA LEU A 671 12.34 2.05 -33.85
C LEU A 671 12.46 3.22 -34.84
N SER A 672 11.71 4.29 -34.58
CA SER A 672 11.83 5.53 -35.35
C SER A 672 13.15 6.22 -35.03
N ASP A 673 13.62 6.06 -33.78
CA ASP A 673 14.92 6.56 -33.33
C ASP A 673 16.01 5.60 -33.82
N THR A 674 16.80 6.06 -34.80
CA THR A 674 17.87 5.27 -35.43
C THR A 674 19.25 5.74 -34.96
N SER A 675 19.29 6.55 -33.89
CA SER A 675 20.53 7.16 -33.40
C SER A 675 21.50 6.08 -32.88
N VAL A 676 20.94 5.00 -32.32
CA VAL A 676 21.71 3.86 -31.81
C VAL A 676 21.36 2.63 -32.64
N THR A 677 22.39 1.90 -33.10
CA THR A 677 22.23 0.72 -33.96
C THR A 677 23.03 -0.48 -33.43
N ASP A 678 23.47 -0.42 -32.16
CA ASP A 678 24.15 -1.54 -31.49
C ASP A 678 23.56 -1.68 -30.08
N TRP A 679 22.85 -2.79 -29.85
CA TRP A 679 22.04 -2.98 -28.64
C TRP A 679 22.46 -4.25 -27.89
N VAL A 680 22.25 -4.20 -26.56
CA VAL A 680 22.34 -5.35 -25.67
C VAL A 680 20.96 -5.52 -25.02
N VAL A 681 20.38 -6.72 -25.18
CA VAL A 681 19.06 -7.05 -24.65
C VAL A 681 19.22 -7.50 -23.19
N ILE A 682 18.43 -6.90 -22.28
CA ILE A 682 18.53 -7.17 -20.83
C ILE A 682 17.20 -7.71 -20.28
N ALA A 683 16.12 -7.67 -21.08
CA ALA A 683 14.86 -8.33 -20.73
C ALA A 683 14.14 -8.77 -22.01
N ASN A 684 13.57 -9.98 -21.97
CA ASN A 684 12.83 -10.55 -23.09
C ASN A 684 11.63 -11.31 -22.53
N GLY A 685 11.11 -12.29 -23.28
CA GLY A 685 9.96 -13.09 -22.85
C GLY A 685 10.32 -14.11 -21.78
N GLU A 686 11.63 -14.39 -21.64
CA GLU A 686 12.13 -15.50 -20.84
C GLU A 686 12.57 -15.01 -19.45
N THR A 687 13.35 -13.93 -19.42
CA THR A 687 13.96 -13.43 -18.18
C THR A 687 14.18 -11.92 -18.28
N ALA A 688 14.48 -11.30 -17.13
CA ALA A 688 14.84 -9.89 -17.02
C ALA A 688 15.91 -9.72 -15.94
N GLY A 689 16.77 -8.72 -16.11
CA GLY A 689 17.87 -8.47 -15.19
C GLY A 689 18.90 -7.52 -15.79
N LEU A 690 20.13 -7.62 -15.29
CA LEU A 690 21.22 -6.69 -15.64
C LEU A 690 22.25 -7.37 -16.55
N ASP A 691 22.06 -8.66 -16.87
CA ASP A 691 22.98 -9.42 -17.72
C ASP A 691 22.52 -9.33 -19.18
N SER A 692 23.47 -9.42 -20.10
CA SER A 692 23.19 -9.49 -21.53
C SER A 692 22.50 -10.81 -21.87
N LEU A 693 21.36 -10.71 -22.58
CA LEU A 693 20.60 -11.87 -23.06
C LEU A 693 20.84 -12.07 -24.56
N GLY A 694 21.71 -11.25 -25.15
CA GLY A 694 21.98 -11.24 -26.59
C GLY A 694 22.11 -9.83 -27.13
N GLU A 695 22.43 -9.71 -28.41
CA GLU A 695 22.69 -8.41 -29.04
C GLU A 695 21.81 -8.26 -30.29
N VAL A 696 21.59 -6.99 -30.66
CA VAL A 696 20.80 -6.60 -31.83
C VAL A 696 21.56 -5.49 -32.56
N THR A 697 21.79 -5.71 -33.86
CA THR A 697 22.37 -4.72 -34.75
C THR A 697 21.25 -4.09 -35.59
N GLY A 698 21.26 -2.76 -35.67
CA GLY A 698 20.27 -2.00 -36.42
C GLY A 698 19.16 -1.48 -35.53
N SER A 699 17.98 -1.24 -36.13
CA SER A 699 16.86 -0.57 -35.48
C SER A 699 15.65 -1.50 -35.31
N THR A 700 15.75 -2.75 -35.80
CA THR A 700 14.62 -3.68 -35.83
C THR A 700 14.83 -4.81 -34.80
N PHE A 701 13.78 -5.08 -34.03
CA PHE A 701 13.77 -6.11 -32.99
C PHE A 701 12.63 -7.10 -33.27
N THR A 702 12.94 -8.40 -33.14
CA THR A 702 11.93 -9.45 -33.15
C THR A 702 11.43 -9.65 -31.71
N VAL A 703 10.16 -9.31 -31.49
CA VAL A 703 9.52 -9.34 -30.18
C VAL A 703 8.53 -10.50 -30.16
N PRO A 704 8.75 -11.55 -29.33
CA PRO A 704 7.81 -12.67 -29.23
C PRO A 704 6.39 -12.23 -28.83
N ALA A 705 5.41 -13.08 -29.16
CA ALA A 705 4.00 -12.85 -28.81
C ALA A 705 3.88 -12.58 -27.31
N ARG A 706 3.06 -11.57 -26.96
CA ARG A 706 2.69 -11.27 -25.58
C ARG A 706 3.95 -11.19 -24.70
N SER A 707 4.87 -10.30 -25.07
CA SER A 707 6.13 -10.16 -24.38
C SER A 707 6.73 -8.77 -24.64
N ALA A 708 7.75 -8.44 -23.85
CA ALA A 708 8.46 -7.17 -23.95
C ALA A 708 9.92 -7.43 -24.32
N ILE A 709 10.55 -6.42 -24.92
CA ILE A 709 12.00 -6.34 -25.08
C ILE A 709 12.47 -5.04 -24.43
N VAL A 710 13.46 -5.17 -23.53
CA VAL A 710 14.21 -4.04 -23.00
C VAL A 710 15.67 -4.21 -23.45
N ALA A 711 16.18 -3.20 -24.16
CA ALA A 711 17.55 -3.20 -24.66
C ALA A 711 18.21 -1.86 -24.34
N VAL A 712 19.54 -1.86 -24.27
CA VAL A 712 20.33 -0.66 -24.00
C VAL A 712 21.51 -0.63 -24.98
N ASP A 713 22.00 0.58 -25.28
CA ASP A 713 23.10 0.80 -26.22
C ASP A 713 24.31 -0.02 -25.77
N LYS A 714 24.99 -0.67 -26.72
CA LYS A 714 26.11 -1.56 -26.39
C LYS A 714 27.24 -0.76 -25.75
N ALA A 715 27.57 0.40 -26.36
CA ALA A 715 28.65 1.27 -25.87
C ALA A 715 28.47 1.54 -24.36
N GLY A 716 27.23 1.91 -24.00
CA GLY A 716 26.86 2.22 -22.62
C GLY A 716 26.94 0.99 -21.71
N TYR A 717 26.48 -0.15 -22.21
CA TYR A 717 26.47 -1.40 -21.42
C TYR A 717 27.90 -1.81 -21.05
N GLU A 718 28.84 -1.59 -21.99
CA GLU A 718 30.24 -1.96 -21.79
C GLU A 718 30.90 -1.01 -20.77
N SER A 719 30.63 0.29 -20.93
CA SER A 719 31.30 1.34 -20.14
C SER A 719 30.76 1.39 -18.70
N ALA A 720 29.45 1.17 -18.54
CA ALA A 720 28.76 1.34 -17.25
C ALA A 720 29.22 0.27 -16.24
N GLY A 721 29.43 -0.96 -16.73
CA GLY A 721 29.86 -2.08 -15.90
C GLY A 721 28.76 -2.58 -14.98
N ILE A 722 27.51 -2.36 -15.39
CA ILE A 722 26.33 -2.83 -14.64
C ILE A 722 26.08 -4.29 -15.06
N HIS A 723 26.12 -5.20 -14.07
CA HIS A 723 25.96 -6.63 -14.27
C HIS A 723 25.21 -7.25 -13.09
N SER A 724 24.65 -8.44 -13.29
CA SER A 724 23.91 -9.17 -12.27
C SER A 724 24.88 -9.89 -11.34
N SER A 725 24.51 -9.99 -10.05
CA SER A 725 25.21 -10.79 -9.07
C SER A 725 24.39 -12.04 -8.72
N LYS A 726 23.28 -12.26 -9.45
CA LYS A 726 22.33 -13.33 -9.17
C LYS A 726 22.69 -14.58 -10.00
N GLY A 727 22.45 -15.75 -9.40
CA GLY A 727 22.59 -17.04 -10.08
C GLY A 727 21.32 -17.39 -10.85
N LYS A 728 21.45 -18.27 -11.85
CA LYS A 728 20.35 -18.66 -12.72
C LYS A 728 20.16 -20.18 -12.70
N VAL A 729 18.91 -20.60 -12.86
CA VAL A 729 18.53 -21.99 -13.13
C VAL A 729 17.56 -21.99 -14.31
N LYS A 730 17.91 -22.74 -15.37
CA LYS A 730 17.03 -22.97 -16.51
C LYS A 730 16.36 -24.33 -16.31
N VAL A 731 15.02 -24.35 -16.47
CA VAL A 731 14.22 -25.56 -16.29
C VAL A 731 13.61 -25.93 -17.65
N ASN A 732 13.89 -27.15 -18.10
CA ASN A 732 13.46 -27.67 -19.40
C ASN A 732 12.42 -28.79 -19.19
N TYR A 733 11.53 -28.95 -20.17
CA TYR A 733 10.50 -30.00 -20.18
C TYR A 733 10.52 -30.69 -21.54
N VAL A 734 11.07 -31.91 -21.55
CA VAL A 734 11.45 -32.60 -22.78
C VAL A 734 10.75 -33.96 -22.85
N TYR A 735 10.24 -34.30 -24.04
CA TYR A 735 9.79 -35.66 -24.37
C TYR A 735 11.04 -36.51 -24.63
N GLU A 736 11.29 -37.46 -23.72
CA GLU A 736 12.55 -38.21 -23.65
C GLU A 736 12.85 -38.92 -24.97
N ALA A 737 11.81 -39.51 -25.57
CA ALA A 737 11.94 -40.37 -26.75
C ALA A 737 12.44 -39.58 -27.97
N THR A 738 12.02 -38.31 -28.08
CA THR A 738 12.28 -37.45 -29.25
CA THR A 738 12.34 -37.51 -29.26
C THR A 738 13.37 -36.42 -28.92
N GLY A 739 13.36 -35.94 -27.67
CA GLY A 739 14.27 -34.89 -27.22
C GLY A 739 13.73 -33.50 -27.52
N GLU A 740 12.43 -33.42 -27.83
CA GLU A 740 11.75 -32.19 -28.20
C GLU A 740 11.04 -31.64 -26.96
N LYS A 741 10.89 -30.32 -26.92
CA LYS A 741 10.29 -29.63 -25.78
C LYS A 741 8.77 -29.77 -25.84
N LEU A 742 8.16 -30.19 -24.71
CA LEU A 742 6.72 -30.28 -24.55
C LEU A 742 6.16 -28.91 -24.11
N GLU A 743 7.05 -28.05 -23.60
CA GLU A 743 6.68 -26.78 -23.01
C GLU A 743 7.92 -25.87 -23.03
N ASP A 744 7.69 -24.56 -23.13
CA ASP A 744 8.76 -23.56 -23.13
C ASP A 744 9.56 -23.67 -21.82
N SER A 745 10.88 -23.56 -21.93
CA SER A 745 11.77 -23.52 -20.77
C SER A 745 11.54 -22.22 -20.00
N VAL A 746 11.82 -22.25 -18.69
CA VAL A 746 11.68 -21.09 -17.82
C VAL A 746 13.01 -20.84 -17.11
N ILE A 747 13.19 -19.60 -16.64
CA ILE A 747 14.40 -19.14 -15.98
C ILE A 747 14.05 -18.73 -14.55
N LEU A 748 14.74 -19.35 -13.58
CA LEU A 748 14.74 -18.93 -12.18
C LEU A 748 16.00 -18.10 -11.92
N GLN A 749 15.87 -17.07 -11.08
CA GLN A 749 16.98 -16.19 -10.70
C GLN A 749 16.90 -15.89 -9.21
N GLY A 750 18.06 -15.94 -8.53
CA GLY A 750 18.15 -15.59 -7.11
C GLY A 750 19.60 -15.40 -6.68
N SER A 751 19.75 -14.91 -5.44
CA SER A 751 21.05 -14.67 -4.83
C SER A 751 21.83 -15.98 -4.73
N VAL A 752 23.14 -15.90 -4.99
CA VAL A 752 24.04 -17.06 -4.89
C VAL A 752 24.03 -17.51 -3.42
N GLY A 753 23.74 -18.79 -3.20
CA GLY A 753 23.69 -19.39 -1.86
C GLY A 753 22.27 -19.54 -1.34
N SER A 754 21.30 -18.86 -1.97
CA SER A 754 19.89 -18.98 -1.61
C SER A 754 19.29 -20.23 -2.26
N GLY A 755 18.32 -20.84 -1.58
CA GLY A 755 17.71 -22.09 -2.01
C GLY A 755 16.62 -21.84 -3.04
N TYR A 756 16.52 -22.78 -4.00
CA TYR A 756 15.46 -22.79 -5.01
C TYR A 756 14.85 -24.20 -5.07
N VAL A 757 13.60 -24.28 -5.55
CA VAL A 757 12.94 -25.54 -5.86
C VAL A 757 12.27 -25.39 -7.23
N THR A 758 12.69 -26.24 -8.18
CA THR A 758 12.02 -26.39 -9.47
C THR A 758 10.89 -27.41 -9.31
N VAL A 759 9.90 -27.35 -10.19
CA VAL A 759 8.80 -28.31 -10.23
C VAL A 759 8.54 -28.70 -11.68
N PRO A 760 7.94 -29.89 -11.95
CA PRO A 760 7.48 -30.22 -13.29
C PRO A 760 6.37 -29.25 -13.73
N SER A 761 6.28 -28.97 -15.03
CA SER A 761 5.36 -27.97 -15.57
C SER A 761 3.91 -28.41 -15.31
N ALA A 762 3.11 -27.48 -14.79
CA ALA A 762 1.73 -27.74 -14.38
C ALA A 762 0.79 -27.87 -15.59
N VAL A 763 1.22 -27.34 -16.75
CA VAL A 763 0.34 -27.17 -17.92
C VAL A 763 0.56 -28.31 -18.94
N ILE A 764 1.55 -29.17 -18.71
CA ILE A 764 1.84 -30.27 -19.65
C ILE A 764 0.68 -31.26 -19.60
N PRO A 765 0.18 -31.74 -20.76
CA PRO A 765 -0.97 -32.65 -20.79
C PRO A 765 -0.82 -33.87 -19.88
N ASP A 766 -1.95 -34.41 -19.42
CA ASP A 766 -1.98 -35.48 -18.42
C ASP A 766 -1.61 -36.83 -19.06
N THR A 767 -1.39 -36.85 -20.38
CA THR A 767 -0.96 -38.05 -21.10
C THR A 767 0.58 -38.15 -21.11
N TYR A 768 1.26 -37.27 -20.37
CA TYR A 768 2.70 -37.34 -20.13
C TYR A 768 2.97 -37.39 -18.63
N ILE A 769 4.00 -38.16 -18.24
CA ILE A 769 4.47 -38.25 -16.86
C ILE A 769 6.00 -38.11 -16.86
N VAL A 770 6.54 -37.58 -15.77
CA VAL A 770 7.98 -37.43 -15.61
C VAL A 770 8.58 -38.82 -15.34
N SER A 771 9.48 -39.23 -16.24
CA SER A 771 10.17 -40.52 -16.17
C SER A 771 11.54 -40.37 -15.50
N ARG A 772 12.12 -39.17 -15.57
CA ARG A 772 13.52 -38.94 -15.24
C ARG A 772 13.78 -37.44 -15.11
N ILE A 773 14.68 -37.07 -14.19
CA ILE A 773 15.10 -35.68 -14.00
C ILE A 773 16.63 -35.60 -14.17
N GLY A 774 17.08 -34.69 -15.03
CA GLY A 774 18.49 -34.33 -15.18
C GLY A 774 18.79 -33.03 -14.45
N GLY A 775 19.92 -33.02 -13.73
CA GLY A 775 20.35 -31.87 -12.94
C GLY A 775 19.72 -31.84 -11.56
N ASN A 776 19.93 -30.74 -10.85
CA ASN A 776 19.48 -30.56 -9.46
C ASN A 776 18.13 -29.86 -9.43
N ALA A 777 17.06 -30.64 -9.26
CA ALA A 777 15.68 -30.12 -9.17
C ALA A 777 15.57 -29.14 -8.00
N GLU A 778 16.30 -29.41 -6.92
CA GLU A 778 16.38 -28.54 -5.74
C GLU A 778 17.85 -28.33 -5.37
N GLY A 779 18.18 -27.14 -4.88
CA GLY A 779 19.53 -26.80 -4.47
C GLY A 779 19.71 -25.31 -4.22
N LYS A 780 20.97 -24.85 -4.30
CA LYS A 780 21.33 -23.45 -4.08
C LYS A 780 21.85 -22.85 -5.40
N TYR A 781 21.50 -21.58 -5.65
CA TYR A 781 22.00 -20.85 -6.80
C TYR A 781 23.53 -20.76 -6.73
N THR A 782 24.18 -20.93 -7.88
CA THR A 782 25.63 -20.78 -8.02
C THR A 782 25.91 -19.61 -8.98
N SER A 783 27.18 -19.25 -9.12
CA SER A 783 27.62 -18.23 -10.06
C SER A 783 27.31 -18.67 -11.49
N ASP A 784 27.68 -19.91 -11.81
CA ASP A 784 27.43 -20.52 -13.11
C ASP A 784 25.96 -20.96 -13.18
N MET A 785 25.35 -20.79 -14.37
CA MET A 785 23.97 -21.21 -14.59
C MET A 785 23.88 -22.74 -14.54
N GLN A 786 22.88 -23.23 -13.83
CA GLN A 786 22.56 -24.66 -13.75
C GLN A 786 21.33 -24.92 -14.63
N GLU A 787 21.25 -26.14 -15.17
CA GLU A 787 20.12 -26.57 -15.98
C GLU A 787 19.48 -27.80 -15.33
N VAL A 788 18.13 -27.80 -15.32
CA VAL A 788 17.33 -28.90 -14.87
C VAL A 788 16.40 -29.29 -16.04
N THR A 789 16.41 -30.57 -16.40
CA THR A 789 15.53 -31.10 -17.44
C THR A 789 14.61 -32.15 -16.83
N TYR A 790 13.29 -31.93 -16.98
CA TYR A 790 12.27 -32.92 -16.68
C TYR A 790 11.96 -33.70 -17.95
N TYR A 791 12.37 -34.98 -17.98
CA TYR A 791 12.14 -35.87 -19.11
C TYR A 791 10.79 -36.57 -18.93
N TYR A 792 9.96 -36.55 -19.98
CA TYR A 792 8.60 -37.07 -19.95
C TYR A 792 8.49 -38.31 -20.83
N THR A 793 7.58 -39.21 -20.44
CA THR A 793 7.25 -40.42 -21.19
C THR A 793 5.73 -40.49 -21.35
N ASP A 794 5.26 -41.47 -22.14
CA ASP A 794 3.84 -41.68 -22.40
C ASP A 794 3.16 -42.22 -21.14
N TYR A 795 1.95 -41.74 -20.87
CA TYR A 795 1.18 -42.07 -19.67
C TYR A 795 -0.31 -41.97 -19.98
N ILE A 796 -1.11 -42.80 -19.31
CA ILE A 796 -2.57 -42.71 -19.32
C ILE A 796 -3.03 -42.57 -17.87
N PRO A 797 -3.66 -41.45 -17.47
CA PRO A 797 -4.03 -41.21 -16.08
C PRO A 797 -4.56 -42.44 -15.32
N GLU A 798 -5.75 -42.93 -15.69
CA GLU A 798 -6.44 -44.03 -14.99
C GLU A 798 -6.63 -43.67 -13.51
N SER A 799 -7.59 -44.36 -12.86
CA SER A 799 -7.86 -44.17 -11.43
C SER A 799 -8.74 -45.32 -10.94
#